data_2OXT
#
_entry.id   2OXT
#
_cell.length_a   82.977
_cell.length_b   82.977
_cell.length_c   170.202
_cell.angle_alpha   90.00
_cell.angle_beta   90.00
_cell.angle_gamma   90.00
#
_symmetry.space_group_name_H-M   'P 43'
#
loop_
_entity.id
_entity.type
_entity.pdbx_description
1 polymer "NUCLEOSIDE-2'-O-METHYLTRANSFERASE"
2 non-polymer S-ADENOSYLMETHIONINE
3 water water
#
_entity_poly.entity_id   1
_entity_poly.type   'polypeptide(L)'
_entity_poly.pdbx_seq_one_letter_code
;GPGSTGASLGMMWKDKLNAMTKEEFTRYKRAGVMETDRKEARDYLKRGDGKTGLSVSRGTAKLAWMEERGYVELTGRVVD
LGCGRGGWSYYAASRPHVMDVRAYTLGVGGHEVPRITESYGWNIVKFKSRVDIHTLPVERTDVIMCDVGESSPKWSVESE
RTIKILELLEKWKVKNPSADFVVKVLCPYSVEVMERLSVMQRKWGGGLVRNPYSRNSTHEMYFTSRAGGNIIGAVTACTE
RLLGRMARRDGPVVVPELNLGTGTR
;
_entity_poly.pdbx_strand_id   A,B,C,D
#
loop_
_chem_comp.id
_chem_comp.type
_chem_comp.name
_chem_comp.formula
SAM non-polymer S-ADENOSYLMETHIONINE 'C15 H22 N6 O5 S'
#
# COMPACT_ATOMS: atom_id res chain seq x y z
N GLY A 1 -17.72 -34.41 47.34
CA GLY A 1 -16.70 -34.47 46.30
C GLY A 1 -15.58 -33.47 46.54
N PRO A 2 -14.38 -33.82 46.08
CA PRO A 2 -13.19 -32.99 46.31
C PRO A 2 -13.05 -31.80 45.35
N GLY A 3 -13.65 -31.90 44.16
CA GLY A 3 -13.43 -30.94 43.09
C GLY A 3 -12.97 -31.61 41.80
N SER A 4 -12.20 -32.68 41.92
CA SER A 4 -11.81 -33.49 40.78
C SER A 4 -12.97 -34.33 40.28
N THR A 5 -13.83 -34.76 41.20
CA THR A 5 -15.05 -35.46 40.85
C THR A 5 -15.92 -34.56 39.97
N GLY A 6 -16.12 -33.31 40.42
CA GLY A 6 -16.79 -32.28 39.62
C GLY A 6 -16.16 -32.08 38.25
N ALA A 7 -14.84 -32.01 38.24
CA ALA A 7 -14.07 -31.83 37.01
C ALA A 7 -14.24 -32.95 35.98
N SER A 8 -14.09 -34.20 36.38
CA SER A 8 -14.19 -35.29 35.41
C SER A 8 -15.63 -35.53 34.96
N LEU A 9 -16.59 -35.14 35.80
CA LEU A 9 -18.01 -35.25 35.45
C LEU A 9 -18.37 -34.30 34.32
N GLY A 10 -17.95 -33.03 34.45
CA GLY A 10 -18.14 -32.05 33.40
C GLY A 10 -17.45 -32.51 32.13
N MET A 11 -16.25 -33.07 32.28
CA MET A 11 -15.53 -33.59 31.15
C MET A 11 -16.26 -34.77 30.52
N MET A 12 -16.96 -35.56 31.33
CA MET A 12 -17.83 -36.63 30.81
C MET A 12 -18.96 -36.00 30.01
N TRP A 13 -19.58 -34.99 30.58
CA TRP A 13 -20.62 -34.23 29.90
C TRP A 13 -20.09 -33.71 28.55
N LYS A 14 -18.92 -33.07 28.57
CA LYS A 14 -18.33 -32.56 27.32
C LYS A 14 -18.16 -33.63 26.24
N ASP A 15 -17.58 -34.77 26.60
CA ASP A 15 -17.36 -35.86 25.65
C ASP A 15 -18.69 -36.36 25.11
N LYS A 16 -19.72 -36.37 25.97
CA LYS A 16 -21.06 -36.81 25.58
C LYS A 16 -21.81 -35.80 24.74
N LEU A 17 -21.44 -34.53 24.84
CA LEU A 17 -22.05 -33.50 24.02
C LEU A 17 -21.41 -33.55 22.65
N ASN A 18 -20.10 -33.74 22.62
CA ASN A 18 -19.35 -33.75 21.38
C ASN A 18 -19.68 -34.98 20.54
N ALA A 19 -19.91 -36.11 21.20
CA ALA A 19 -20.21 -37.39 20.53
C ALA A 19 -21.62 -37.47 19.97
N MET A 20 -22.45 -36.48 20.24
CA MET A 20 -23.83 -36.47 19.74
C MET A 20 -23.89 -36.30 18.21
N THR A 21 -24.97 -36.77 17.60
CA THR A 21 -25.22 -36.43 16.20
C THR A 21 -25.83 -35.03 16.14
N LYS A 22 -26.00 -34.49 14.94
CA LYS A 22 -26.63 -33.19 14.78
C LYS A 22 -28.08 -33.28 15.28
N GLU A 23 -28.68 -34.45 15.05
CA GLU A 23 -30.06 -34.74 15.48
C GLU A 23 -30.20 -34.62 16.99
N GLU A 24 -29.47 -35.48 17.72
CA GLU A 24 -29.45 -35.48 19.18
C GLU A 24 -29.07 -34.12 19.77
N PHE A 25 -28.05 -33.49 19.20
CA PHE A 25 -27.60 -32.18 19.66
C PHE A 25 -28.71 -31.14 19.62
N THR A 26 -29.28 -30.94 18.43
CA THR A 26 -30.34 -29.96 18.22
C THR A 26 -31.53 -30.23 19.16
N ARG A 27 -31.80 -31.50 19.43
CA ARG A 27 -32.85 -31.87 20.37
C ARG A 27 -32.45 -31.50 21.78
N TYR A 28 -31.32 -32.05 22.22
CA TYR A 28 -30.79 -31.83 23.56
C TYR A 28 -30.59 -30.35 23.89
N LYS A 29 -30.04 -29.60 22.94
CA LYS A 29 -29.79 -28.17 23.08
C LYS A 29 -30.93 -27.44 23.79
N ARG A 30 -32.18 -27.75 23.41
CA ARG A 30 -33.34 -27.02 23.93
C ARG A 30 -34.22 -27.78 24.94
N ALA A 31 -34.05 -29.10 25.02
CA ALA A 31 -34.89 -29.95 25.90
C ALA A 31 -35.01 -29.46 27.35
N GLY A 32 -36.22 -29.11 27.74
CA GLY A 32 -36.49 -28.61 29.09
C GLY A 32 -35.91 -27.23 29.43
N VAL A 33 -35.37 -26.55 28.42
CA VAL A 33 -34.76 -25.25 28.62
C VAL A 33 -35.84 -24.19 28.50
N MET A 34 -35.78 -23.17 29.35
CA MET A 34 -36.71 -22.05 29.25
C MET A 34 -36.31 -21.22 28.03
N GLU A 35 -37.28 -20.94 27.18
CA GLU A 35 -37.03 -20.25 25.92
C GLU A 35 -38.00 -19.11 25.68
N THR A 36 -37.44 -17.92 25.50
CA THR A 36 -38.19 -16.75 25.16
C THR A 36 -38.60 -16.84 23.69
N ASP A 37 -39.87 -16.53 23.40
CA ASP A 37 -40.43 -16.63 22.04
C ASP A 37 -40.09 -15.39 21.23
N ARG A 38 -39.35 -15.58 20.14
CA ARG A 38 -38.81 -14.45 19.38
C ARG A 38 -39.52 -14.13 18.04
N LYS A 39 -40.69 -14.72 17.82
CA LYS A 39 -41.40 -14.51 16.55
C LYS A 39 -41.53 -13.02 16.22
N GLU A 40 -42.07 -12.26 17.17
CA GLU A 40 -42.25 -10.83 16.98
C GLU A 40 -40.91 -10.10 16.97
N ALA A 41 -40.07 -10.40 17.96
CA ALA A 41 -38.78 -9.72 18.14
C ALA A 41 -37.91 -9.78 16.89
N ARG A 42 -37.81 -10.98 16.30
CA ARG A 42 -37.05 -11.21 15.07
C ARG A 42 -37.54 -10.35 13.91
N ASP A 43 -38.85 -10.11 13.85
CA ASP A 43 -39.43 -9.25 12.81
C ASP A 43 -38.97 -7.80 12.94
N TYR A 44 -39.06 -7.25 14.16
CA TYR A 44 -38.57 -5.90 14.45
C TYR A 44 -37.08 -5.75 14.17
N LEU A 45 -36.31 -6.79 14.47
CA LEU A 45 -34.87 -6.82 14.23
C LEU A 45 -34.57 -6.85 12.73
N LYS A 46 -35.24 -7.73 11.99
CA LYS A 46 -35.06 -7.84 10.54
C LYS A 46 -35.50 -6.57 9.82
N ARG A 47 -36.63 -6.02 10.25
CA ARG A 47 -37.16 -4.78 9.66
C ARG A 47 -36.36 -3.55 10.11
N GLY A 48 -35.85 -3.59 11.34
CA GLY A 48 -35.12 -2.47 11.92
C GLY A 48 -36.01 -1.44 12.59
N ASP A 49 -37.12 -1.89 13.18
CA ASP A 49 -38.02 -0.99 13.91
C ASP A 49 -37.54 -0.83 15.35
N GLY A 50 -36.61 0.10 15.54
CA GLY A 50 -36.01 0.35 16.84
C GLY A 50 -36.95 0.95 17.86
N LYS A 51 -38.17 1.29 17.43
CA LYS A 51 -39.19 1.78 18.36
C LYS A 51 -39.96 0.57 18.93
N THR A 52 -39.33 -0.14 19.86
CA THR A 52 -39.84 -1.38 20.45
C THR A 52 -39.20 -1.61 21.80
N GLY A 53 -39.99 -2.12 22.75
CA GLY A 53 -39.50 -2.44 24.08
C GLY A 53 -39.01 -3.88 24.18
N LEU A 54 -39.31 -4.66 23.14
CA LEU A 54 -38.91 -6.05 23.08
C LEU A 54 -37.39 -6.16 23.15
N SER A 55 -36.93 -7.27 23.72
CA SER A 55 -35.51 -7.52 23.93
C SER A 55 -34.73 -7.63 22.64
N VAL A 56 -33.56 -7.03 22.61
CA VAL A 56 -32.70 -7.08 21.43
C VAL A 56 -31.98 -8.43 21.28
N SER A 57 -32.06 -9.26 22.32
CA SER A 57 -31.41 -10.57 22.35
C SER A 57 -32.03 -11.43 23.47
N ARG A 58 -31.59 -12.69 23.57
CA ARG A 58 -32.04 -13.54 24.69
C ARG A 58 -31.28 -13.34 26.01
N GLY A 59 -30.39 -12.36 26.06
CA GLY A 59 -29.68 -12.06 27.29
C GLY A 59 -30.57 -11.34 28.30
N THR A 60 -31.48 -10.50 27.78
CA THR A 60 -32.35 -9.72 28.64
C THR A 60 -33.05 -10.62 29.65
N ALA A 61 -33.74 -11.64 29.14
CA ALA A 61 -34.47 -12.58 30.02
C ALA A 61 -33.55 -13.18 31.09
N LYS A 62 -32.38 -13.65 30.67
CA LYS A 62 -31.42 -14.25 31.59
C LYS A 62 -31.16 -13.29 32.75
N LEU A 63 -30.94 -12.02 32.41
CA LEU A 63 -30.60 -11.03 33.40
C LEU A 63 -31.82 -10.76 34.25
N ALA A 64 -32.99 -10.67 33.62
CA ALA A 64 -34.21 -10.46 34.35
C ALA A 64 -34.31 -11.50 35.46
N TRP A 65 -34.23 -12.78 35.08
CA TRP A 65 -34.36 -13.92 36.02
C TRP A 65 -33.36 -13.86 37.17
N MET A 66 -32.13 -13.45 36.85
CA MET A 66 -31.09 -13.28 37.84
C MET A 66 -31.54 -12.22 38.84
N GLU A 67 -31.96 -11.07 38.32
CA GLU A 67 -32.29 -9.91 39.14
C GLU A 67 -33.62 -9.99 39.91
N GLU A 68 -34.63 -10.61 39.30
CA GLU A 68 -35.90 -10.74 40.00
C GLU A 68 -35.80 -11.73 41.16
N ARG A 69 -34.80 -12.60 41.09
CA ARG A 69 -34.59 -13.61 42.13
C ARG A 69 -33.52 -13.17 43.12
N GLY A 70 -32.76 -12.13 42.74
CA GLY A 70 -32.01 -11.36 43.70
C GLY A 70 -30.59 -11.86 43.88
N TYR A 71 -29.95 -12.23 42.77
CA TYR A 71 -28.54 -12.56 42.77
C TYR A 71 -27.70 -11.33 42.42
N VAL A 72 -28.37 -10.25 42.02
CA VAL A 72 -27.70 -8.95 41.83
C VAL A 72 -28.64 -7.79 42.05
N GLU A 73 -28.09 -6.66 42.50
CA GLU A 73 -28.87 -5.47 42.78
C GLU A 73 -28.41 -4.33 41.87
N LEU A 74 -29.12 -4.16 40.76
CA LEU A 74 -28.76 -3.16 39.78
C LEU A 74 -29.13 -1.75 40.25
N THR A 75 -28.11 -0.98 40.62
CA THR A 75 -28.26 0.36 41.17
C THR A 75 -27.11 1.24 40.67
N GLY A 76 -27.37 2.53 40.50
CA GLY A 76 -26.33 3.50 40.14
C GLY A 76 -25.71 3.27 38.77
N ARG A 77 -24.38 3.35 38.70
CA ARG A 77 -23.66 3.22 37.45
C ARG A 77 -23.44 1.75 37.15
N VAL A 78 -23.71 1.35 35.91
CA VAL A 78 -23.62 -0.06 35.51
C VAL A 78 -22.73 -0.18 34.28
N VAL A 79 -21.56 -0.77 34.48
CA VAL A 79 -20.63 -1.02 33.40
C VAL A 79 -20.95 -2.39 32.82
N ASP A 80 -21.18 -2.45 31.51
CA ASP A 80 -21.45 -3.71 30.80
C ASP A 80 -20.30 -4.17 29.88
N LEU A 81 -19.34 -4.86 30.47
CA LEU A 81 -18.25 -5.45 29.71
C LEU A 81 -18.75 -6.54 28.76
N GLY A 82 -18.47 -6.37 27.48
CA GLY A 82 -18.84 -7.37 26.47
C GLY A 82 -20.35 -7.43 26.30
N CYS A 83 -20.93 -6.35 25.79
CA CYS A 83 -22.39 -6.20 25.75
C CYS A 83 -23.09 -6.74 24.48
N GLY A 84 -22.31 -7.19 23.50
CA GLY A 84 -22.87 -7.65 22.21
C GLY A 84 -23.96 -6.72 21.69
N ARG A 85 -25.19 -7.24 21.58
CA ARG A 85 -26.32 -6.47 21.05
C ARG A 85 -26.93 -5.49 22.04
N GLY A 86 -26.62 -5.67 23.33
CA GLY A 86 -27.08 -4.74 24.36
C GLY A 86 -28.23 -5.21 25.24
N GLY A 87 -28.59 -6.48 25.11
CA GLY A 87 -29.70 -7.09 25.85
C GLY A 87 -29.68 -6.88 27.36
N TRP A 88 -28.50 -7.01 27.96
CA TRP A 88 -28.31 -6.72 29.37
C TRP A 88 -28.33 -5.21 29.63
N SER A 89 -27.61 -4.44 28.81
CA SER A 89 -27.54 -2.99 28.95
C SER A 89 -28.94 -2.40 28.95
N TYR A 90 -29.74 -2.83 27.96
CA TYR A 90 -31.13 -2.36 27.82
C TYR A 90 -31.98 -2.78 28.99
N TYR A 91 -31.66 -3.93 29.59
CA TYR A 91 -32.36 -4.35 30.79
C TYR A 91 -31.95 -3.47 31.95
N ALA A 92 -30.64 -3.40 32.18
CA ALA A 92 -30.08 -2.55 33.24
C ALA A 92 -30.65 -1.13 33.20
N ALA A 93 -30.82 -0.60 31.99
CA ALA A 93 -31.36 0.74 31.78
C ALA A 93 -32.82 0.87 32.22
N SER A 94 -33.61 -0.16 31.96
CA SER A 94 -35.05 -0.12 32.26
C SER A 94 -35.34 -0.12 33.76
N ARG A 95 -34.29 -0.25 34.56
CA ARG A 95 -34.44 -0.48 35.99
C ARG A 95 -34.33 0.82 36.78
N PRO A 96 -35.24 1.02 37.76
CA PRO A 96 -35.43 2.27 38.52
C PRO A 96 -34.17 2.86 39.17
N HIS A 97 -33.43 2.05 39.93
CA HIS A 97 -32.28 2.52 40.72
C HIS A 97 -30.97 2.67 39.92
N VAL A 98 -31.06 2.56 38.60
CA VAL A 98 -29.88 2.57 37.73
C VAL A 98 -29.67 3.96 37.10
N MET A 99 -28.46 4.49 37.23
CA MET A 99 -28.16 5.86 36.79
C MET A 99 -27.59 5.92 35.37
N ASP A 100 -26.31 5.56 35.22
CA ASP A 100 -25.66 5.54 33.92
C ASP A 100 -25.25 4.11 33.56
N VAL A 101 -25.29 3.79 32.27
CA VAL A 101 -24.86 2.48 31.79
C VAL A 101 -23.84 2.59 30.67
N ARG A 102 -22.60 2.24 30.99
CA ARG A 102 -21.55 2.18 29.99
C ARG A 102 -21.48 0.76 29.44
N ALA A 103 -21.77 0.62 28.15
CA ALA A 103 -21.70 -0.65 27.49
C ALA A 103 -20.50 -0.68 26.53
N TYR A 104 -19.71 -1.74 26.62
CA TYR A 104 -18.51 -1.91 25.82
C TYR A 104 -18.55 -3.26 25.15
N THR A 105 -18.03 -3.32 23.93
CA THR A 105 -17.94 -4.55 23.14
C THR A 105 -17.08 -4.31 21.90
N LEU A 106 -16.75 -5.38 21.18
CA LEU A 106 -15.99 -5.27 19.92
C LEU A 106 -16.93 -4.84 18.81
N GLY A 107 -17.86 -5.73 18.45
CA GLY A 107 -18.79 -5.49 17.36
C GLY A 107 -18.06 -5.36 16.05
N VAL A 108 -17.09 -6.25 15.82
CA VAL A 108 -16.12 -6.05 14.76
C VAL A 108 -16.13 -7.12 13.66
N GLY A 109 -15.63 -8.32 13.94
CA GLY A 109 -15.48 -9.32 12.89
C GLY A 109 -16.50 -10.44 13.01
N GLY A 110 -17.74 -10.13 12.65
CA GLY A 110 -18.86 -11.06 12.81
C GLY A 110 -19.30 -11.13 14.26
N HIS A 111 -18.89 -10.14 15.04
CA HIS A 111 -19.24 -10.02 16.46
C HIS A 111 -20.43 -9.10 16.68
N GLU A 112 -21.27 -9.45 17.65
CA GLU A 112 -22.55 -8.78 17.83
C GLU A 112 -22.33 -7.27 17.94
N VAL A 113 -23.09 -6.53 17.14
CA VAL A 113 -23.05 -5.07 17.12
C VAL A 113 -24.21 -4.55 17.97
N PRO A 114 -23.93 -3.57 18.85
CA PRO A 114 -24.99 -2.95 19.64
C PRO A 114 -26.15 -2.53 18.74
N ARG A 115 -27.35 -2.95 19.11
CA ARG A 115 -28.55 -2.60 18.37
C ARG A 115 -29.20 -1.37 18.97
N ILE A 116 -29.35 -0.35 18.15
CA ILE A 116 -29.93 0.91 18.58
C ILE A 116 -31.45 0.80 18.51
N THR A 117 -32.08 1.19 19.60
CA THR A 117 -33.48 0.92 19.84
C THR A 117 -33.96 1.92 20.89
N GLU A 118 -35.25 2.21 20.88
CA GLU A 118 -35.84 3.17 21.81
C GLU A 118 -36.48 2.49 23.03
N SER A 119 -35.91 1.35 23.43
CA SER A 119 -36.31 0.66 24.65
C SER A 119 -36.14 1.58 25.88
N TYR A 120 -37.00 1.38 26.86
CA TYR A 120 -37.16 2.28 28.00
C TYR A 120 -35.91 2.53 28.84
N GLY A 121 -35.21 3.63 28.57
CA GLY A 121 -33.98 3.97 29.30
C GLY A 121 -32.75 4.19 28.43
N TRP A 122 -32.94 4.08 27.12
CA TRP A 122 -31.85 4.17 26.15
C TRP A 122 -30.99 5.43 26.22
N ASN A 123 -31.54 6.52 26.75
CA ASN A 123 -30.80 7.79 26.84
C ASN A 123 -29.60 7.76 27.79
N ILE A 124 -29.72 6.98 28.86
CA ILE A 124 -28.61 6.81 29.82
C ILE A 124 -27.67 5.63 29.50
N VAL A 125 -27.90 4.99 28.36
CA VAL A 125 -27.01 3.98 27.81
C VAL A 125 -26.00 4.65 26.88
N LYS A 126 -24.73 4.27 26.98
CA LYS A 126 -23.72 4.74 26.05
C LYS A 126 -22.84 3.57 25.58
N PHE A 127 -23.05 3.14 24.33
CA PHE A 127 -22.24 2.08 23.74
C PHE A 127 -20.89 2.59 23.25
N LYS A 128 -19.90 1.72 23.25
CA LYS A 128 -18.66 1.92 22.53
C LYS A 128 -18.31 0.58 21.90
N SER A 129 -18.12 0.59 20.59
CA SER A 129 -17.69 -0.59 19.89
C SER A 129 -16.21 -0.46 19.62
N ARG A 130 -15.61 -1.48 19.04
CA ARG A 130 -14.16 -1.54 18.85
C ARG A 130 -13.47 -1.29 20.20
N VAL A 131 -13.84 -2.11 21.18
CA VAL A 131 -13.30 -2.03 22.52
C VAL A 131 -12.92 -3.42 23.00
N ASP A 132 -11.71 -3.54 23.54
CA ASP A 132 -11.24 -4.78 24.12
C ASP A 132 -11.30 -4.63 25.62
N ILE A 133 -12.22 -5.36 26.24
CA ILE A 133 -12.51 -5.19 27.67
C ILE A 133 -11.30 -5.44 28.58
N HIS A 134 -10.43 -6.35 28.13
CA HIS A 134 -9.21 -6.73 28.85
C HIS A 134 -8.19 -5.59 28.94
N THR A 135 -8.33 -4.60 28.07
CA THR A 135 -7.40 -3.46 28.05
C THR A 135 -8.10 -2.13 28.37
N LEU A 136 -9.43 -2.17 28.46
CA LEU A 136 -10.19 -0.98 28.85
C LEU A 136 -9.83 -0.54 30.27
N PRO A 137 -9.30 0.67 30.40
CA PRO A 137 -8.84 1.16 31.70
C PRO A 137 -9.96 1.08 32.73
N VAL A 138 -9.61 0.59 33.92
CA VAL A 138 -10.57 0.42 35.01
C VAL A 138 -11.18 1.77 35.40
N GLU A 139 -12.51 1.77 35.53
CA GLU A 139 -13.28 2.94 35.91
C GLU A 139 -14.05 2.62 37.18
N ARG A 140 -14.61 3.63 37.85
CA ARG A 140 -15.45 3.39 39.03
C ARG A 140 -16.89 3.00 38.64
N THR A 141 -17.43 2.02 39.35
CA THR A 141 -18.75 1.49 39.07
C THR A 141 -19.42 0.95 40.31
N ASP A 142 -20.75 0.83 40.24
CA ASP A 142 -21.54 0.14 41.25
C ASP A 142 -21.79 -1.31 40.88
N VAL A 143 -21.88 -1.60 39.59
CA VAL A 143 -22.17 -2.96 39.14
C VAL A 143 -21.24 -3.35 38.00
N ILE A 144 -20.61 -4.51 38.13
CA ILE A 144 -19.75 -5.05 37.08
C ILE A 144 -20.51 -6.17 36.39
N MET A 145 -20.92 -5.94 35.14
CA MET A 145 -21.62 -6.95 34.34
C MET A 145 -20.74 -7.45 33.21
N CYS A 146 -20.63 -8.77 33.08
CA CYS A 146 -19.81 -9.36 32.02
C CYS A 146 -20.27 -10.72 31.49
N ASP A 147 -20.96 -10.69 30.36
CA ASP A 147 -21.52 -11.91 29.77
C ASP A 147 -20.62 -12.51 28.68
N VAL A 148 -19.31 -12.58 28.92
CA VAL A 148 -18.38 -13.03 27.87
C VAL A 148 -18.04 -14.50 28.06
N GLY A 149 -17.77 -15.20 26.96
CA GLY A 149 -17.33 -16.58 27.02
C GLY A 149 -17.65 -17.29 25.73
N GLU A 150 -16.66 -17.33 24.84
CA GLU A 150 -16.77 -18.04 23.56
C GLU A 150 -16.64 -19.54 23.84
N SER A 151 -17.68 -20.29 23.51
CA SER A 151 -17.65 -21.74 23.66
C SER A 151 -16.61 -22.37 22.74
N SER A 152 -16.37 -23.67 22.95
CA SER A 152 -15.39 -24.44 22.19
C SER A 152 -15.60 -25.92 22.48
N PRO A 153 -15.26 -26.80 21.53
CA PRO A 153 -15.33 -28.23 21.85
C PRO A 153 -14.28 -28.68 22.88
N LYS A 154 -13.19 -27.93 22.99
CA LYS A 154 -12.09 -28.22 23.91
C LYS A 154 -12.33 -27.49 25.22
N TRP A 155 -12.55 -28.24 26.31
CA TRP A 155 -12.89 -27.64 27.60
C TRP A 155 -11.73 -26.78 28.15
N SER A 156 -10.50 -27.21 27.88
CA SER A 156 -9.31 -26.48 28.35
C SER A 156 -9.22 -25.13 27.66
N VAL A 157 -9.72 -25.05 26.44
CA VAL A 157 -9.86 -23.77 25.77
C VAL A 157 -10.95 -22.99 26.51
N GLU A 158 -12.12 -23.61 26.68
CA GLU A 158 -13.23 -22.98 27.42
C GLU A 158 -12.80 -22.47 28.80
N SER A 159 -11.94 -23.23 29.48
CA SER A 159 -11.50 -22.85 30.82
C SER A 159 -10.51 -21.72 30.80
N GLU A 160 -9.57 -21.79 29.85
CA GLU A 160 -8.61 -20.71 29.60
C GLU A 160 -9.32 -19.36 29.39
N ARG A 161 -10.36 -19.38 28.56
CA ARG A 161 -11.15 -18.20 28.25
C ARG A 161 -11.93 -17.72 29.46
N THR A 162 -12.35 -18.66 30.32
CA THR A 162 -13.07 -18.35 31.55
C THR A 162 -12.20 -17.67 32.59
N ILE A 163 -10.91 -18.03 32.64
CA ILE A 163 -9.97 -17.54 33.63
C ILE A 163 -9.61 -16.07 33.38
N LYS A 164 -9.33 -15.75 32.12
CA LYS A 164 -9.07 -14.38 31.71
C LYS A 164 -10.23 -13.49 32.17
N ILE A 165 -11.45 -14.03 32.08
CA ILE A 165 -12.63 -13.32 32.56
C ILE A 165 -12.68 -13.19 34.10
N LEU A 166 -12.19 -14.20 34.81
CA LEU A 166 -12.15 -14.11 36.27
C LEU A 166 -11.12 -13.09 36.75
N GLU A 167 -9.98 -13.02 36.05
CA GLU A 167 -8.96 -12.00 36.30
C GLU A 167 -9.44 -10.61 35.90
N LEU A 168 -10.36 -10.56 34.93
CA LEU A 168 -10.98 -9.29 34.54
C LEU A 168 -11.88 -8.75 35.65
N LEU A 169 -12.58 -9.65 36.36
CA LEU A 169 -13.45 -9.25 37.46
C LEU A 169 -12.60 -8.76 38.62
N GLU A 170 -11.57 -9.54 38.96
CA GLU A 170 -10.67 -9.17 40.04
C GLU A 170 -10.15 -7.73 39.85
N LYS A 171 -9.54 -7.47 38.69
CA LYS A 171 -9.05 -6.14 38.32
C LYS A 171 -10.09 -5.05 38.57
N TRP A 172 -11.29 -5.24 38.03
CA TRP A 172 -12.35 -4.24 38.12
C TRP A 172 -12.93 -4.14 39.52
N LYS A 173 -12.69 -5.17 40.32
CA LYS A 173 -13.21 -5.24 41.68
C LYS A 173 -12.18 -4.76 42.71
N VAL A 174 -10.91 -4.69 42.30
CA VAL A 174 -9.86 -4.15 43.17
C VAL A 174 -10.03 -2.64 43.27
N LYS A 175 -10.50 -2.00 42.20
CA LYS A 175 -10.84 -0.56 42.27
C LYS A 175 -12.22 -0.34 42.86
N ASN A 176 -13.14 -1.28 42.63
CA ASN A 176 -14.51 -1.19 43.15
C ASN A 176 -14.88 -2.38 44.02
N PRO A 177 -14.37 -2.42 45.26
CA PRO A 177 -14.45 -3.64 46.07
C PRO A 177 -15.86 -3.89 46.59
N SER A 178 -16.68 -2.84 46.58
CA SER A 178 -18.02 -2.88 47.18
C SER A 178 -19.14 -3.00 46.15
N ALA A 179 -18.78 -3.11 44.87
CA ALA A 179 -19.75 -3.17 43.78
C ALA A 179 -20.30 -4.59 43.55
N ASP A 180 -21.54 -4.69 43.06
CA ASP A 180 -22.13 -5.98 42.68
C ASP A 180 -21.50 -6.49 41.40
N PHE A 181 -21.57 -7.80 41.18
CA PHE A 181 -21.08 -8.40 39.95
C PHE A 181 -21.99 -9.54 39.48
N VAL A 182 -22.30 -9.55 38.19
CA VAL A 182 -22.73 -10.77 37.52
C VAL A 182 -21.77 -11.16 36.40
N VAL A 183 -21.16 -12.33 36.52
CA VAL A 183 -20.06 -12.73 35.65
C VAL A 183 -20.28 -14.13 35.09
N LYS A 184 -20.29 -14.23 33.76
CA LYS A 184 -20.37 -15.52 33.09
C LYS A 184 -19.17 -16.39 33.44
N VAL A 185 -19.44 -17.63 33.82
CA VAL A 185 -18.39 -18.63 33.95
C VAL A 185 -18.59 -19.78 32.96
N LEU A 186 -17.96 -19.66 31.79
CA LEU A 186 -18.26 -20.54 30.67
C LEU A 186 -17.94 -21.99 31.02
N CYS A 187 -16.85 -22.20 31.74
CA CYS A 187 -16.41 -23.53 32.11
C CYS A 187 -16.17 -23.62 33.60
N PRO A 188 -17.25 -23.73 34.41
CA PRO A 188 -17.03 -23.75 35.84
C PRO A 188 -16.49 -25.09 36.37
N TYR A 189 -16.58 -26.15 35.57
CA TYR A 189 -16.22 -27.49 36.04
C TYR A 189 -14.73 -27.83 36.01
N SER A 190 -13.93 -27.04 35.31
CA SER A 190 -12.49 -27.32 35.22
C SER A 190 -11.86 -27.07 36.60
N VAL A 191 -10.71 -27.70 36.83
CA VAL A 191 -10.01 -27.65 38.12
C VAL A 191 -9.46 -26.25 38.42
N GLU A 192 -8.99 -25.58 37.37
CA GLU A 192 -8.40 -24.25 37.50
C GLU A 192 -9.51 -23.26 37.87
N VAL A 193 -10.62 -23.36 37.15
CA VAL A 193 -11.71 -22.42 37.32
C VAL A 193 -12.28 -22.51 38.73
N MET A 194 -12.39 -23.75 39.23
CA MET A 194 -13.00 -24.00 40.53
C MET A 194 -12.17 -23.42 41.68
N GLU A 195 -10.84 -23.52 41.58
CA GLU A 195 -9.96 -23.03 42.62
C GLU A 195 -9.91 -21.50 42.62
N ARG A 196 -9.82 -20.90 41.43
CA ARG A 196 -9.89 -19.44 41.30
C ARG A 196 -11.23 -18.94 41.81
N LEU A 197 -12.28 -19.70 41.52
CA LEU A 197 -13.63 -19.31 41.88
C LEU A 197 -13.81 -19.26 43.40
N SER A 198 -13.26 -20.26 44.11
CA SER A 198 -13.43 -20.32 45.57
C SER A 198 -12.57 -19.29 46.28
N VAL A 199 -11.37 -19.06 45.74
CA VAL A 199 -10.47 -18.00 46.19
C VAL A 199 -11.13 -16.62 46.04
N MET A 200 -11.85 -16.44 44.94
CA MET A 200 -12.56 -15.20 44.68
C MET A 200 -13.79 -15.04 45.56
N GLN A 201 -14.44 -16.16 45.86
CA GLN A 201 -15.55 -16.15 46.79
C GLN A 201 -15.08 -15.78 48.19
N ARG A 202 -13.94 -16.37 48.59
CA ARG A 202 -13.35 -16.12 49.89
C ARG A 202 -13.09 -14.62 50.04
N LYS A 203 -12.69 -14.00 48.93
CA LYS A 203 -12.32 -12.59 48.93
C LYS A 203 -13.53 -11.65 48.75
N TRP A 204 -14.48 -12.05 47.91
CA TRP A 204 -15.57 -11.17 47.47
C TRP A 204 -16.98 -11.60 47.84
N GLY A 205 -17.13 -12.81 48.35
CA GLY A 205 -18.45 -13.40 48.61
C GLY A 205 -19.10 -13.84 47.31
N GLY A 206 -20.42 -13.91 47.29
CA GLY A 206 -21.14 -14.34 46.09
C GLY A 206 -21.08 -15.85 45.88
N GLY A 207 -21.66 -16.31 44.78
CA GLY A 207 -21.68 -17.73 44.47
C GLY A 207 -22.14 -18.04 43.06
N LEU A 208 -22.24 -19.33 42.75
CA LEU A 208 -22.63 -19.76 41.40
C LEU A 208 -24.12 -20.04 41.24
N VAL A 209 -24.65 -19.57 40.11
CA VAL A 209 -26.04 -19.78 39.78
C VAL A 209 -26.16 -20.31 38.35
N ARG A 210 -27.03 -21.30 38.17
CA ARG A 210 -27.35 -21.79 36.84
C ARG A 210 -28.66 -21.18 36.36
N ASN A 211 -28.58 -20.53 35.21
CA ASN A 211 -29.73 -19.84 34.62
C ASN A 211 -30.61 -20.80 33.84
N PRO A 212 -31.91 -20.83 34.12
CA PRO A 212 -32.83 -21.72 33.43
C PRO A 212 -32.74 -21.58 31.90
N TYR A 213 -32.63 -20.33 31.45
CA TYR A 213 -32.57 -19.99 30.03
C TYR A 213 -31.32 -20.45 29.30
N SER A 214 -30.27 -20.82 30.03
CA SER A 214 -29.07 -21.36 29.38
C SER A 214 -29.39 -22.67 28.71
N ARG A 215 -28.90 -22.83 27.48
CA ARG A 215 -29.07 -24.08 26.75
C ARG A 215 -28.26 -25.21 27.38
N ASN A 216 -28.80 -26.42 27.34
CA ASN A 216 -28.11 -27.62 27.84
C ASN A 216 -26.74 -27.84 27.20
N SER A 217 -26.53 -27.22 26.03
CA SER A 217 -25.28 -27.36 25.28
C SER A 217 -24.13 -26.57 25.88
N THR A 218 -24.44 -25.57 26.69
CA THR A 218 -23.42 -24.81 27.42
C THR A 218 -23.55 -25.13 28.90
N HIS A 219 -22.42 -25.10 29.59
CA HIS A 219 -22.37 -25.44 31.01
C HIS A 219 -22.27 -24.15 31.77
N GLU A 220 -22.68 -23.05 31.16
CA GLU A 220 -22.36 -21.73 31.70
C GLU A 220 -23.07 -21.54 32.99
N MET A 221 -22.40 -20.94 33.95
CA MET A 221 -23.05 -20.54 35.18
C MET A 221 -22.71 -19.09 35.42
N TYR A 222 -23.37 -18.47 36.39
CA TYR A 222 -23.09 -17.08 36.70
C TYR A 222 -22.61 -16.89 38.12
N PHE A 223 -21.48 -16.18 38.24
CA PHE A 223 -20.91 -15.84 39.52
C PHE A 223 -21.41 -14.44 39.82
N THR A 224 -22.26 -14.36 40.84
CA THR A 224 -22.96 -13.13 41.19
C THR A 224 -22.63 -12.74 42.63
N SER A 225 -22.73 -11.44 42.94
CA SER A 225 -22.36 -10.92 44.25
C SER A 225 -23.31 -11.30 45.41
N ARG A 226 -24.56 -11.66 45.08
CA ARG A 226 -25.56 -11.84 46.13
C ARG A 226 -25.95 -13.29 46.38
N ALA A 227 -25.48 -14.20 45.54
CA ALA A 227 -25.71 -15.63 45.75
C ALA A 227 -24.70 -16.17 46.74
N GLY A 228 -24.73 -17.48 46.96
CA GLY A 228 -23.84 -18.11 47.92
C GLY A 228 -23.93 -19.62 47.86
N GLY A 229 -23.15 -20.29 48.69
CA GLY A 229 -23.16 -21.75 48.73
C GLY A 229 -21.81 -22.31 48.36
N ASN A 230 -21.67 -23.62 48.49
CA ASN A 230 -20.49 -24.30 48.02
C ASN A 230 -20.40 -24.30 46.50
N ILE A 231 -19.26 -23.88 45.97
CA ILE A 231 -19.08 -23.76 44.54
C ILE A 231 -18.99 -25.13 43.86
N ILE A 232 -18.17 -26.01 44.42
CA ILE A 232 -18.07 -27.37 43.90
C ILE A 232 -19.44 -28.03 43.89
N GLY A 233 -20.16 -27.91 45.00
CA GLY A 233 -21.50 -28.50 45.14
C GLY A 233 -22.46 -27.98 44.10
N ALA A 234 -22.37 -26.67 43.84
CA ALA A 234 -23.22 -25.98 42.86
C ALA A 234 -22.93 -26.43 41.41
N VAL A 235 -21.65 -26.60 41.08
CA VAL A 235 -21.31 -27.04 39.74
C VAL A 235 -21.73 -28.49 39.55
N THR A 236 -21.43 -29.34 40.53
CA THR A 236 -21.73 -30.78 40.45
C THR A 236 -23.22 -31.00 40.22
N ALA A 237 -24.05 -30.32 41.02
CA ALA A 237 -25.50 -30.28 40.85
C ALA A 237 -25.87 -29.95 39.41
N CYS A 238 -25.23 -28.91 38.88
CA CYS A 238 -25.47 -28.51 37.53
C CYS A 238 -25.08 -29.60 36.51
N THR A 239 -23.88 -30.17 36.65
CA THR A 239 -23.41 -31.27 35.79
C THR A 239 -24.37 -32.44 35.87
N GLU A 240 -24.84 -32.74 37.08
CA GLU A 240 -25.77 -33.84 37.30
C GLU A 240 -26.99 -33.65 36.41
N ARG A 241 -27.64 -32.50 36.48
CA ARG A 241 -28.85 -32.25 35.68
C ARG A 241 -28.58 -32.27 34.17
N LEU A 242 -27.48 -31.65 33.75
CA LEU A 242 -27.13 -31.56 32.34
C LEU A 242 -26.91 -32.93 31.73
N LEU A 243 -26.38 -33.85 32.54
CA LEU A 243 -26.19 -35.25 32.12
C LEU A 243 -27.51 -35.99 32.01
N GLY A 244 -28.42 -35.73 32.94
CA GLY A 244 -29.71 -36.39 32.96
C GLY A 244 -30.63 -35.97 31.84
N ARG A 245 -30.52 -34.72 31.41
CA ARG A 245 -31.35 -34.19 30.34
C ARG A 245 -31.02 -34.79 28.98
N MET A 246 -30.00 -35.65 28.93
CA MET A 246 -29.59 -36.30 27.69
C MET A 246 -30.58 -37.37 27.25
N ALA A 247 -31.46 -37.77 28.15
CA ALA A 247 -32.57 -38.65 27.83
C ALA A 247 -33.84 -37.84 27.55
N ARG A 248 -33.82 -36.57 27.91
CA ARG A 248 -34.91 -35.65 27.62
C ARG A 248 -35.03 -35.46 26.10
N ARG A 249 -36.19 -35.82 25.56
CA ARG A 249 -36.46 -35.71 24.12
C ARG A 249 -37.41 -34.56 23.77
N ASP A 250 -38.23 -34.16 24.74
CA ASP A 250 -39.21 -33.08 24.59
C ASP A 250 -38.59 -31.74 24.18
N GLY A 251 -39.44 -30.78 23.83
CA GLY A 251 -38.99 -29.48 23.38
C GLY A 251 -38.62 -28.59 24.54
N PRO A 252 -38.37 -27.30 24.25
CA PRO A 252 -38.13 -26.29 25.27
C PRO A 252 -39.42 -25.88 25.97
N VAL A 253 -39.29 -25.11 27.06
CA VAL A 253 -40.43 -24.53 27.75
C VAL A 253 -40.60 -23.07 27.30
N VAL A 254 -41.51 -22.85 26.35
CA VAL A 254 -41.63 -21.56 25.69
C VAL A 254 -42.37 -20.51 26.51
N VAL A 255 -41.72 -19.37 26.69
CA VAL A 255 -42.23 -18.28 27.49
C VAL A 255 -42.21 -17.01 26.63
N PRO A 256 -43.17 -16.10 26.84
CA PRO A 256 -43.19 -14.83 26.09
C PRO A 256 -41.92 -14.03 26.30
N GLU A 257 -41.51 -13.30 25.27
CA GLU A 257 -40.39 -12.36 25.40
C GLU A 257 -40.68 -11.24 26.39
N LEU A 258 -39.62 -10.64 26.91
CA LEU A 258 -39.72 -9.45 27.72
C LEU A 258 -39.98 -8.24 26.84
N ASN A 259 -40.90 -7.41 27.30
CA ASN A 259 -41.11 -6.10 26.75
C ASN A 259 -40.80 -5.09 27.83
N LEU A 260 -39.80 -4.25 27.59
CA LEU A 260 -39.39 -3.26 28.58
C LEU A 260 -40.13 -1.96 28.34
N GLY A 261 -40.83 -1.90 27.21
CA GLY A 261 -41.53 -0.70 26.79
C GLY A 261 -40.60 0.27 26.10
N THR A 262 -41.19 1.29 25.51
CA THR A 262 -40.45 2.32 24.79
C THR A 262 -40.43 3.57 25.67
N GLY A 263 -39.30 4.29 25.65
CA GLY A 263 -39.20 5.56 26.40
C GLY A 263 -37.84 6.03 26.88
N THR A 264 -37.82 7.24 27.45
CA THR A 264 -36.59 7.83 28.01
C THR A 264 -36.75 8.03 29.53
N ARG A 265 -35.62 8.25 30.22
CA ARG A 265 -35.61 8.40 31.68
C ARG A 265 -35.01 9.75 32.12
N GLY B 1 12.44 -3.66 5.13
CA GLY B 1 13.37 -3.32 6.25
C GLY B 1 13.33 -4.33 7.40
N PRO B 2 13.31 -3.82 8.65
CA PRO B 2 13.31 -4.68 9.85
C PRO B 2 11.94 -5.35 10.12
N GLY B 3 11.89 -6.18 11.16
CA GLY B 3 10.65 -6.86 11.56
C GLY B 3 9.54 -5.94 12.04
N SER B 4 9.91 -4.90 12.78
CA SER B 4 8.94 -4.01 13.43
C SER B 4 8.17 -3.09 12.48
N THR B 5 8.76 -2.81 11.31
CA THR B 5 8.08 -2.06 10.26
C THR B 5 6.89 -2.88 9.74
N GLY B 6 7.15 -4.14 9.39
CA GLY B 6 6.10 -5.07 8.97
C GLY B 6 5.00 -5.20 10.00
N ALA B 7 5.40 -5.45 11.25
CA ALA B 7 4.46 -5.62 12.36
C ALA B 7 3.50 -4.45 12.56
N SER B 8 3.97 -3.22 12.47
CA SER B 8 3.08 -2.08 12.66
C SER B 8 2.16 -1.85 11.45
N LEU B 9 2.66 -2.09 10.25
CA LEU B 9 1.86 -2.00 9.04
C LEU B 9 0.65 -2.93 9.12
N GLY B 10 0.90 -4.19 9.43
CA GLY B 10 -0.17 -5.18 9.58
C GLY B 10 -1.11 -4.72 10.67
N MET B 11 -0.53 -4.22 11.77
CA MET B 11 -1.33 -3.75 12.86
C MET B 11 -2.19 -2.57 12.44
N MET B 12 -1.63 -1.70 11.59
CA MET B 12 -2.37 -0.57 11.01
C MET B 12 -3.45 -1.11 10.09
N TRP B 13 -3.13 -2.22 9.41
CA TRP B 13 -4.07 -2.90 8.54
C TRP B 13 -5.28 -3.43 9.33
N LYS B 14 -5.00 -4.16 10.42
CA LYS B 14 -6.09 -4.67 11.25
C LYS B 14 -7.01 -3.54 11.76
N ASP B 15 -6.41 -2.47 12.25
CA ASP B 15 -7.16 -1.32 12.74
C ASP B 15 -8.08 -0.78 11.64
N LYS B 16 -7.53 -0.67 10.43
CA LYS B 16 -8.27 -0.16 9.28
C LYS B 16 -9.38 -1.11 8.85
N LEU B 17 -9.13 -2.41 9.00
CA LEU B 17 -10.12 -3.42 8.67
C LEU B 17 -11.25 -3.38 9.67
N ASN B 18 -10.90 -3.23 10.94
CA ASN B 18 -11.86 -3.27 12.03
C ASN B 18 -12.75 -2.02 12.09
N ALA B 19 -12.21 -0.89 11.64
CA ALA B 19 -12.96 0.38 11.64
C ALA B 19 -13.91 0.53 10.46
N MET B 20 -13.99 -0.50 9.62
CA MET B 20 -14.82 -0.45 8.40
C MET B 20 -16.31 -0.61 8.72
N THR B 21 -17.15 0.02 7.92
CA THR B 21 -18.59 -0.19 8.04
C THR B 21 -18.92 -1.55 7.44
N LYS B 22 -20.08 -2.11 7.81
CA LYS B 22 -20.50 -3.45 7.35
C LYS B 22 -20.62 -3.51 5.82
N GLU B 23 -20.75 -2.34 5.20
CA GLU B 23 -20.87 -2.23 3.75
C GLU B 23 -19.51 -2.25 3.05
N GLU B 24 -18.59 -1.42 3.55
CA GLU B 24 -17.22 -1.35 3.03
C GLU B 24 -16.52 -2.68 3.18
N PHE B 25 -16.72 -3.32 4.34
CA PHE B 25 -16.15 -4.63 4.61
C PHE B 25 -16.56 -5.67 3.57
N THR B 26 -17.83 -5.65 3.20
CA THR B 26 -18.38 -6.58 2.22
C THR B 26 -17.85 -6.33 0.81
N ARG B 27 -17.65 -5.06 0.43
CA ARG B 27 -17.07 -4.74 -0.87
C ARG B 27 -15.61 -5.16 -0.94
N TYR B 28 -14.87 -4.81 0.11
CA TYR B 28 -13.43 -5.04 0.20
C TYR B 28 -13.07 -6.53 0.28
N LYS B 29 -13.62 -7.21 1.29
CA LYS B 29 -13.56 -8.67 1.43
C LYS B 29 -13.19 -9.42 0.14
N ARG B 30 -13.96 -9.21 -0.93
CA ARG B 30 -13.75 -9.94 -2.20
C ARG B 30 -13.08 -9.14 -3.31
N ALA B 31 -12.95 -7.82 -3.14
CA ALA B 31 -12.47 -6.93 -4.20
C ALA B 31 -11.13 -7.37 -4.78
N GLY B 32 -11.16 -7.72 -6.06
CA GLY B 32 -9.98 -8.19 -6.78
C GLY B 32 -9.46 -9.55 -6.32
N VAL B 33 -10.19 -10.16 -5.40
CA VAL B 33 -9.80 -11.46 -4.87
C VAL B 33 -10.22 -12.46 -5.91
N MET B 34 -9.44 -13.52 -6.07
CA MET B 34 -9.83 -14.58 -6.96
C MET B 34 -10.80 -15.47 -6.22
N GLU B 35 -11.98 -15.63 -6.81
CA GLU B 35 -13.06 -16.41 -6.21
C GLU B 35 -13.58 -17.44 -7.21
N THR B 36 -13.96 -18.59 -6.70
CA THR B 36 -14.42 -19.68 -7.55
C THR B 36 -15.94 -19.78 -7.55
N ASP B 37 -16.50 -20.27 -8.66
CA ASP B 37 -17.95 -20.33 -8.88
C ASP B 37 -18.60 -21.47 -8.11
N ARG B 38 -19.23 -21.12 -6.99
CA ARG B 38 -19.82 -22.10 -6.08
C ARG B 38 -21.29 -22.42 -6.36
N LYS B 39 -21.92 -21.71 -7.30
CA LYS B 39 -23.36 -21.84 -7.54
C LYS B 39 -23.78 -23.27 -7.84
N GLU B 40 -23.04 -23.93 -8.74
CA GLU B 40 -23.32 -25.33 -9.07
C GLU B 40 -22.85 -26.28 -7.96
N ALA B 41 -21.97 -25.79 -7.09
CA ALA B 41 -21.39 -26.62 -6.03
C ALA B 41 -22.23 -26.60 -4.75
N ARG B 42 -22.70 -25.41 -4.36
CA ARG B 42 -23.56 -25.25 -3.18
C ARG B 42 -24.87 -26.01 -3.38
N ASP B 43 -25.28 -26.11 -4.64
CA ASP B 43 -26.58 -26.68 -5.01
C ASP B 43 -26.71 -28.14 -4.59
N TYR B 44 -25.91 -29.00 -5.22
CA TYR B 44 -26.00 -30.44 -4.98
C TYR B 44 -25.20 -30.91 -3.76
N LEU B 45 -24.61 -29.94 -3.05
CA LEU B 45 -24.00 -30.20 -1.75
C LEU B 45 -25.04 -30.01 -0.65
N LYS B 46 -25.80 -28.91 -0.73
CA LYS B 46 -26.95 -28.69 0.15
C LYS B 46 -28.01 -29.77 -0.06
N ARG B 47 -28.02 -30.31 -1.27
CA ARG B 47 -28.87 -31.45 -1.61
C ARG B 47 -28.35 -32.72 -0.95
N GLY B 48 -27.03 -32.77 -0.73
CA GLY B 48 -26.37 -33.97 -0.22
C GLY B 48 -25.98 -34.94 -1.34
N ASP B 49 -26.14 -34.49 -2.57
CA ASP B 49 -25.81 -35.26 -3.76
C ASP B 49 -24.30 -35.28 -3.96
N GLY B 50 -23.63 -36.22 -3.32
CA GLY B 50 -22.17 -36.31 -3.39
C GLY B 50 -21.66 -37.14 -4.55
N LYS B 51 -22.39 -37.11 -5.66
CA LYS B 51 -22.03 -37.87 -6.86
C LYS B 51 -20.78 -37.31 -7.56
N THR B 52 -20.84 -36.07 -8.04
CA THR B 52 -19.73 -35.47 -8.83
C THR B 52 -18.53 -35.04 -7.95
N GLY B 53 -17.46 -34.60 -8.60
CA GLY B 53 -16.21 -34.28 -7.91
C GLY B 53 -15.87 -32.80 -7.84
N LEU B 54 -16.89 -31.96 -8.02
CA LEU B 54 -16.75 -30.53 -7.73
C LEU B 54 -16.32 -30.39 -6.29
N SER B 55 -15.58 -29.33 -6.01
CA SER B 55 -14.95 -29.12 -4.70
C SER B 55 -15.97 -29.04 -3.58
N VAL B 56 -15.59 -29.52 -2.40
CA VAL B 56 -16.50 -29.50 -1.25
C VAL B 56 -16.44 -28.15 -0.50
N SER B 57 -15.47 -27.32 -0.86
CA SER B 57 -15.27 -26.01 -0.24
C SER B 57 -14.26 -25.17 -1.05
N ARG B 58 -13.97 -23.96 -0.58
CA ARG B 58 -13.07 -23.06 -1.30
C ARG B 58 -11.60 -23.43 -1.11
N GLY B 59 -11.32 -24.34 -0.18
CA GLY B 59 -9.94 -24.73 0.11
C GLY B 59 -9.24 -25.49 -1.01
N THR B 60 -10.02 -26.21 -1.82
CA THR B 60 -9.49 -27.04 -2.87
C THR B 60 -8.63 -26.24 -3.84
N ALA B 61 -9.26 -25.34 -4.60
CA ALA B 61 -8.54 -24.48 -5.56
C ALA B 61 -7.35 -23.74 -4.94
N LYS B 62 -7.50 -23.38 -3.67
CA LYS B 62 -6.46 -22.72 -2.91
C LYS B 62 -5.23 -23.57 -2.97
N LEU B 63 -5.37 -24.82 -2.51
CA LEU B 63 -4.23 -25.72 -2.39
C LEU B 63 -3.93 -26.41 -3.71
N ALA B 64 -4.82 -26.22 -4.69
CA ALA B 64 -4.51 -26.57 -6.06
C ALA B 64 -3.50 -25.57 -6.61
N TRP B 65 -3.77 -24.29 -6.36
CA TRP B 65 -2.93 -23.18 -6.85
C TRP B 65 -1.48 -23.26 -6.34
N MET B 66 -1.30 -23.69 -5.10
CA MET B 66 0.03 -23.77 -4.52
C MET B 66 0.77 -24.95 -5.12
N GLU B 67 0.03 -25.99 -5.47
CA GLU B 67 0.55 -27.22 -6.07
C GLU B 67 0.97 -27.06 -7.54
N GLU B 68 0.16 -26.38 -8.34
CA GLU B 68 0.49 -26.17 -9.75
C GLU B 68 1.64 -25.18 -9.94
N ARG B 69 1.85 -24.31 -8.96
CA ARG B 69 2.97 -23.39 -8.99
C ARG B 69 4.23 -24.00 -8.32
N GLY B 70 4.11 -25.24 -7.84
CA GLY B 70 5.23 -25.94 -7.22
C GLY B 70 5.67 -25.47 -5.84
N TYR B 71 4.79 -24.81 -5.09
CA TYR B 71 5.12 -24.42 -3.72
C TYR B 71 5.13 -25.63 -2.79
N VAL B 72 4.42 -26.67 -3.21
CA VAL B 72 4.41 -27.95 -2.50
C VAL B 72 4.34 -29.11 -3.47
N GLU B 73 4.80 -30.26 -3.00
CA GLU B 73 4.70 -31.47 -3.77
C GLU B 73 3.96 -32.49 -2.92
N LEU B 74 2.97 -33.16 -3.52
CA LEU B 74 2.14 -34.10 -2.79
C LEU B 74 2.46 -35.51 -3.27
N THR B 75 3.10 -36.26 -2.39
CA THR B 75 3.67 -37.57 -2.70
C THR B 75 3.46 -38.50 -1.50
N GLY B 76 3.29 -39.80 -1.77
CA GLY B 76 3.22 -40.80 -0.71
C GLY B 76 2.12 -40.53 0.29
N ARG B 77 2.46 -40.53 1.57
CA ARG B 77 1.47 -40.36 2.62
C ARG B 77 1.22 -38.89 2.89
N VAL B 78 -0.05 -38.48 2.87
CA VAL B 78 -0.42 -37.10 3.18
C VAL B 78 -1.31 -37.06 4.42
N VAL B 79 -0.92 -36.21 5.37
CA VAL B 79 -1.65 -36.03 6.61
C VAL B 79 -2.28 -34.64 6.58
N ASP B 80 -3.60 -34.57 6.70
CA ASP B 80 -4.31 -33.29 6.70
C ASP B 80 -4.76 -32.87 8.11
N LEU B 81 -3.89 -32.14 8.80
CA LEU B 81 -4.12 -31.68 10.16
C LEU B 81 -5.09 -30.51 10.18
N GLY B 82 -6.38 -30.81 10.43
CA GLY B 82 -7.44 -29.79 10.46
C GLY B 82 -8.13 -29.67 9.12
N CYS B 83 -8.83 -30.73 8.72
CA CYS B 83 -9.31 -30.88 7.34
C CYS B 83 -10.69 -30.29 7.03
N GLY B 84 -11.52 -30.11 8.06
CA GLY B 84 -12.91 -29.68 7.89
C GLY B 84 -13.65 -30.56 6.89
N ARG B 85 -14.28 -29.93 5.90
CA ARG B 85 -15.05 -30.63 4.86
C ARG B 85 -14.13 -31.45 3.96
N GLY B 86 -12.84 -31.10 3.97
CA GLY B 86 -11.82 -31.92 3.30
C GLY B 86 -11.41 -31.51 1.90
N GLY B 87 -11.67 -30.25 1.56
CA GLY B 87 -11.29 -29.68 0.27
C GLY B 87 -9.85 -29.98 -0.12
N TRP B 88 -8.96 -29.89 0.85
CA TRP B 88 -7.57 -30.24 0.66
C TRP B 88 -7.40 -31.76 0.46
N SER B 89 -7.98 -32.55 1.35
CA SER B 89 -7.83 -34.00 1.31
C SER B 89 -8.35 -34.55 0.00
N TYR B 90 -9.50 -34.05 -0.44
CA TYR B 90 -10.09 -34.50 -1.70
C TYR B 90 -9.19 -34.12 -2.87
N TYR B 91 -8.55 -32.95 -2.78
CA TYR B 91 -7.58 -32.55 -3.80
C TYR B 91 -6.33 -33.41 -3.75
N ALA B 92 -5.83 -33.67 -2.53
CA ALA B 92 -4.67 -34.54 -2.33
C ALA B 92 -4.89 -35.95 -2.91
N ALA B 93 -6.09 -36.47 -2.71
CA ALA B 93 -6.51 -37.75 -3.25
C ALA B 93 -6.45 -37.82 -4.78
N SER B 94 -6.85 -36.74 -5.44
CA SER B 94 -6.96 -36.71 -6.90
C SER B 94 -5.60 -36.68 -7.58
N ARG B 95 -4.53 -36.64 -6.80
CA ARG B 95 -3.18 -36.49 -7.34
C ARG B 95 -2.48 -37.83 -7.56
N PRO B 96 -1.87 -38.05 -8.74
CA PRO B 96 -1.32 -39.36 -9.15
C PRO B 96 -0.18 -39.91 -8.27
N HIS B 97 0.61 -39.03 -7.67
CA HIS B 97 1.74 -39.44 -6.83
C HIS B 97 1.34 -39.73 -5.37
N VAL B 98 0.12 -39.39 -4.98
CA VAL B 98 -0.34 -39.52 -3.59
C VAL B 98 -0.86 -40.93 -3.30
N MET B 99 -0.40 -41.52 -2.19
CA MET B 99 -0.68 -42.91 -1.87
C MET B 99 -1.82 -43.09 -0.87
N ASP B 100 -1.72 -42.39 0.25
CA ASP B 100 -2.66 -42.53 1.35
C ASP B 100 -2.85 -41.15 1.97
N VAL B 101 -4.08 -40.87 2.40
CA VAL B 101 -4.42 -39.58 3.03
C VAL B 101 -5.15 -39.77 4.36
N ARG B 102 -4.52 -39.29 5.42
CA ARG B 102 -5.13 -39.28 6.74
C ARG B 102 -5.62 -37.87 6.99
N ALA B 103 -6.90 -37.73 7.26
CA ALA B 103 -7.49 -36.42 7.53
C ALA B 103 -8.07 -36.36 8.94
N TYR B 104 -7.83 -35.26 9.64
CA TYR B 104 -8.24 -35.11 11.03
C TYR B 104 -8.92 -33.78 11.27
N THR B 105 -9.98 -33.77 12.09
CA THR B 105 -10.66 -32.53 12.49
C THR B 105 -11.44 -32.74 13.80
N LEU B 106 -12.18 -31.72 14.21
CA LEU B 106 -13.14 -31.85 15.29
C LEU B 106 -14.48 -32.26 14.69
N GLY B 107 -15.06 -31.36 13.90
CA GLY B 107 -16.37 -31.56 13.32
C GLY B 107 -17.35 -31.74 14.45
N VAL B 108 -17.38 -30.78 15.37
CA VAL B 108 -18.02 -30.98 16.66
C VAL B 108 -19.14 -29.99 16.96
N GLY B 109 -18.78 -28.78 17.38
CA GLY B 109 -19.76 -27.83 17.91
C GLY B 109 -19.83 -26.59 17.05
N GLY B 110 -20.28 -26.77 15.81
CA GLY B 110 -20.33 -25.69 14.84
C GLY B 110 -19.11 -25.70 13.94
N HIS B 111 -18.31 -26.75 14.09
CA HIS B 111 -17.09 -26.94 13.31
C HIS B 111 -17.35 -27.82 12.09
N GLU B 112 -16.70 -27.48 11.00
CA GLU B 112 -16.96 -28.12 9.70
C GLU B 112 -16.80 -29.64 9.77
N VAL B 113 -17.81 -30.35 9.24
CA VAL B 113 -17.85 -31.82 9.24
C VAL B 113 -17.45 -32.30 7.85
N PRO B 114 -16.53 -33.28 7.76
CA PRO B 114 -16.13 -33.78 6.45
C PRO B 114 -17.36 -34.10 5.60
N ARG B 115 -17.43 -33.49 4.41
CA ARG B 115 -18.50 -33.83 3.47
C ARG B 115 -18.10 -35.08 2.72
N ILE B 116 -18.88 -36.14 2.90
CA ILE B 116 -18.59 -37.41 2.27
C ILE B 116 -19.11 -37.42 0.84
N THR B 117 -18.23 -37.81 -0.07
CA THR B 117 -18.45 -37.60 -1.50
C THR B 117 -17.64 -38.63 -2.27
N GLU B 118 -18.06 -38.93 -3.50
CA GLU B 118 -17.32 -39.87 -4.33
C GLU B 118 -16.42 -39.14 -5.31
N SER B 119 -15.80 -38.06 -4.84
CA SER B 119 -14.79 -37.33 -5.60
C SER B 119 -13.56 -38.22 -5.81
N TYR B 120 -12.91 -38.05 -6.96
CA TYR B 120 -11.84 -38.92 -7.43
C TYR B 120 -10.72 -39.13 -6.42
N GLY B 121 -10.63 -40.34 -5.87
CA GLY B 121 -9.59 -40.69 -4.90
C GLY B 121 -10.10 -40.96 -3.49
N TRP B 122 -11.40 -40.75 -3.26
CA TRP B 122 -12.00 -40.85 -1.92
C TRP B 122 -11.63 -42.09 -1.09
N ASN B 123 -11.49 -43.24 -1.74
CA ASN B 123 -11.12 -44.49 -1.07
C ASN B 123 -9.77 -44.42 -0.36
N ILE B 124 -8.88 -43.60 -0.91
CA ILE B 124 -7.54 -43.37 -0.37
C ILE B 124 -7.58 -42.45 0.87
N VAL B 125 -8.70 -41.74 1.03
CA VAL B 125 -8.90 -40.77 2.11
C VAL B 125 -9.49 -41.44 3.34
N LYS B 126 -8.80 -41.31 4.48
CA LYS B 126 -9.36 -41.73 5.78
C LYS B 126 -9.63 -40.54 6.72
N PHE B 127 -10.90 -40.19 6.87
CA PHE B 127 -11.32 -39.16 7.83
C PHE B 127 -11.45 -39.75 9.23
N LYS B 128 -11.24 -38.92 10.23
CA LYS B 128 -11.60 -39.21 11.63
C LYS B 128 -11.91 -37.88 12.29
N SER B 129 -13.09 -37.79 12.89
CA SER B 129 -13.54 -36.59 13.57
C SER B 129 -13.27 -36.66 15.06
N ARG B 130 -13.68 -35.62 15.79
CA ARG B 130 -13.43 -35.49 17.24
C ARG B 130 -11.95 -35.67 17.57
N VAL B 131 -11.09 -35.37 16.61
CA VAL B 131 -9.66 -35.43 16.80
C VAL B 131 -9.19 -34.03 17.13
N ASP B 132 -8.30 -33.92 18.12
CA ASP B 132 -7.61 -32.65 18.39
C ASP B 132 -6.17 -32.79 17.95
N ILE B 133 -5.76 -31.88 17.06
CA ILE B 133 -4.46 -31.93 16.40
C ILE B 133 -3.33 -31.83 17.42
N HIS B 134 -3.43 -30.83 18.29
CA HIS B 134 -2.39 -30.48 19.24
C HIS B 134 -1.99 -31.63 20.16
N THR B 135 -2.93 -32.54 20.41
CA THR B 135 -2.67 -33.71 21.25
C THR B 135 -2.92 -35.02 20.47
N LEU B 136 -2.44 -35.05 19.22
CA LEU B 136 -2.51 -36.23 18.39
C LEU B 136 -1.09 -36.75 18.18
N PRO B 137 -0.77 -37.93 18.75
CA PRO B 137 0.57 -38.52 18.63
C PRO B 137 1.09 -38.48 17.20
N VAL B 138 2.36 -38.09 17.04
CA VAL B 138 2.98 -37.92 15.73
C VAL B 138 3.08 -39.25 14.99
N GLU B 139 2.81 -39.21 13.69
CA GLU B 139 2.87 -40.37 12.82
C GLU B 139 3.80 -40.04 11.66
N ARG B 140 4.32 -41.06 10.98
CA ARG B 140 5.20 -40.83 9.83
C ARG B 140 4.40 -40.36 8.61
N THR B 141 4.92 -39.32 7.96
CA THR B 141 4.26 -38.71 6.81
C THR B 141 5.28 -38.24 5.80
N ASP B 142 4.86 -38.17 4.54
CA ASP B 142 5.60 -37.50 3.49
C ASP B 142 5.18 -36.03 3.35
N VAL B 143 3.91 -35.73 3.63
CA VAL B 143 3.39 -34.34 3.53
C VAL B 143 2.50 -33.88 4.71
N ILE B 144 2.92 -32.80 5.38
CA ILE B 144 2.15 -32.22 6.48
C ILE B 144 1.32 -31.03 6.01
N MET B 145 0.01 -31.19 5.98
CA MET B 145 -0.86 -30.08 5.60
C MET B 145 -1.65 -29.63 6.80
N CYS B 146 -1.70 -28.31 6.99
CA CYS B 146 -2.50 -27.74 8.04
C CYS B 146 -3.10 -26.40 7.63
N ASP B 147 -4.42 -26.35 7.56
CA ASP B 147 -5.12 -25.16 7.15
C ASP B 147 -5.86 -24.50 8.34
N VAL B 148 -5.35 -24.72 9.55
CA VAL B 148 -6.03 -24.24 10.78
C VAL B 148 -5.65 -22.79 11.09
N GLY B 149 -6.63 -22.02 11.59
CA GLY B 149 -6.37 -20.65 12.06
C GLY B 149 -7.65 -19.84 12.09
N GLU B 150 -8.24 -19.71 13.28
CA GLU B 150 -9.49 -18.96 13.45
C GLU B 150 -9.20 -17.47 13.65
N SER B 151 -9.84 -16.63 12.85
CA SER B 151 -9.60 -15.18 12.88
C SER B 151 -10.17 -14.51 14.13
N SER B 152 -9.82 -13.24 14.31
CA SER B 152 -10.26 -12.43 15.45
C SER B 152 -9.88 -10.97 15.20
N PRO B 153 -10.62 -10.01 15.79
CA PRO B 153 -10.24 -8.59 15.68
C PRO B 153 -8.96 -8.24 16.44
N LYS B 154 -8.60 -9.12 17.39
CA LYS B 154 -7.42 -8.95 18.22
C LYS B 154 -6.26 -9.68 17.55
N TRP B 155 -5.36 -8.92 16.95
CA TRP B 155 -4.23 -9.50 16.20
C TRP B 155 -3.36 -10.41 17.09
N SER B 156 -3.31 -10.10 18.40
CA SER B 156 -2.49 -10.87 19.33
C SER B 156 -3.10 -12.23 19.52
N VAL B 157 -4.42 -12.26 19.64
CA VAL B 157 -5.15 -13.52 19.74
C VAL B 157 -4.91 -14.32 18.44
N GLU B 158 -4.98 -13.63 17.30
CA GLU B 158 -4.64 -14.25 16.01
C GLU B 158 -3.19 -14.74 15.96
N SER B 159 -2.30 -14.00 16.62
CA SER B 159 -0.88 -14.34 16.61
C SER B 159 -0.60 -15.55 17.50
N GLU B 160 -1.16 -15.52 18.71
CA GLU B 160 -1.03 -16.62 19.66
C GLU B 160 -1.57 -17.91 19.05
N ARG B 161 -2.71 -17.79 18.38
CA ARG B 161 -3.26 -18.87 17.56
C ARG B 161 -2.26 -19.39 16.50
N THR B 162 -1.52 -18.50 15.86
CA THR B 162 -0.59 -18.88 14.78
C THR B 162 0.65 -19.62 15.29
N ILE B 163 1.02 -19.36 16.54
CA ILE B 163 2.22 -19.95 17.11
C ILE B 163 1.96 -21.41 17.49
N LYS B 164 0.81 -21.66 18.09
CA LYS B 164 0.39 -23.03 18.42
C LYS B 164 0.45 -23.92 17.18
N ILE B 165 0.21 -23.34 16.00
CA ILE B 165 0.28 -24.09 14.75
C ILE B 165 1.69 -24.29 14.19
N LEU B 166 2.57 -23.33 14.50
CA LEU B 166 3.97 -23.46 14.12
C LEU B 166 4.69 -24.45 15.04
N GLU B 167 4.30 -24.46 16.32
CA GLU B 167 4.78 -25.45 17.30
C GLU B 167 4.25 -26.83 16.96
N LEU B 168 3.07 -26.86 16.36
CA LEU B 168 2.46 -28.09 15.90
C LEU B 168 3.21 -28.66 14.70
N LEU B 169 3.69 -27.76 13.83
CA LEU B 169 4.38 -28.17 12.61
C LEU B 169 5.83 -28.56 12.90
N GLU B 170 6.43 -27.88 13.86
CA GLU B 170 7.77 -28.22 14.30
C GLU B 170 7.80 -29.65 14.87
N LYS B 171 6.87 -29.92 15.78
CA LYS B 171 6.72 -31.23 16.40
C LYS B 171 6.62 -32.29 15.31
N TRP B 172 5.66 -32.11 14.40
CA TRP B 172 5.43 -33.06 13.31
C TRP B 172 6.60 -33.16 12.35
N LYS B 173 7.33 -32.06 12.22
CA LYS B 173 8.43 -31.95 11.28
C LYS B 173 9.73 -32.56 11.85
N VAL B 174 9.86 -32.53 13.17
CA VAL B 174 11.00 -33.16 13.86
C VAL B 174 11.03 -34.65 13.58
N LYS B 175 9.86 -35.28 13.56
CA LYS B 175 9.76 -36.72 13.27
C LYS B 175 9.99 -36.99 11.79
N ASN B 176 9.50 -36.10 10.93
CA ASN B 176 9.61 -36.26 9.49
C ASN B 176 10.38 -35.09 8.87
N PRO B 177 11.71 -35.12 8.96
CA PRO B 177 12.49 -33.98 8.51
C PRO B 177 12.41 -33.82 6.99
N SER B 178 12.19 -34.93 6.29
CA SER B 178 12.22 -34.95 4.83
C SER B 178 10.87 -34.60 4.18
N ALA B 179 9.90 -34.21 5.01
CA ALA B 179 8.53 -33.99 4.54
C ALA B 179 8.21 -32.57 4.02
N ASP B 180 7.56 -32.50 2.85
CA ASP B 180 7.03 -31.24 2.32
C ASP B 180 5.90 -30.80 3.22
N PHE B 181 5.66 -29.49 3.32
CA PHE B 181 4.58 -28.98 4.15
C PHE B 181 3.83 -27.80 3.51
N VAL B 182 2.54 -27.71 3.80
CA VAL B 182 1.75 -26.50 3.53
C VAL B 182 1.05 -26.14 4.85
N VAL B 183 1.32 -24.96 5.37
CA VAL B 183 0.78 -24.56 6.66
C VAL B 183 0.23 -23.13 6.64
N LYS B 184 -1.02 -22.98 7.08
CA LYS B 184 -1.61 -21.65 7.24
C LYS B 184 -0.88 -20.84 8.31
N VAL B 185 -0.42 -19.65 7.94
CA VAL B 185 0.07 -18.68 8.90
C VAL B 185 -0.90 -17.52 9.07
N LEU B 186 -1.84 -17.67 10.00
CA LEU B 186 -2.97 -16.75 10.11
C LEU B 186 -2.50 -15.32 10.29
N CYS B 187 -1.53 -15.12 11.18
CA CYS B 187 -1.06 -13.79 11.51
C CYS B 187 0.43 -13.66 11.30
N PRO B 188 0.87 -13.50 10.04
CA PRO B 188 2.30 -13.50 9.75
C PRO B 188 3.03 -12.22 10.12
N TYR B 189 2.31 -11.13 10.32
CA TYR B 189 2.97 -9.85 10.58
C TYR B 189 3.50 -9.65 11.99
N SER B 190 2.97 -10.37 12.97
CA SER B 190 3.37 -10.11 14.35
C SER B 190 4.85 -10.40 14.52
N VAL B 191 5.45 -9.73 15.51
CA VAL B 191 6.87 -9.85 15.79
C VAL B 191 7.22 -11.26 16.23
N GLU B 192 6.33 -11.87 17.02
CA GLU B 192 6.51 -13.22 17.54
C GLU B 192 6.55 -14.20 16.37
N VAL B 193 5.50 -14.15 15.56
CA VAL B 193 5.32 -15.10 14.48
C VAL B 193 6.48 -14.99 13.50
N MET B 194 6.87 -13.76 13.17
CA MET B 194 7.97 -13.54 12.23
C MET B 194 9.27 -14.14 12.73
N GLU B 195 9.53 -14.01 14.03
CA GLU B 195 10.76 -14.46 14.64
C GLU B 195 10.81 -16.00 14.69
N ARG B 196 9.66 -16.61 14.95
CA ARG B 196 9.53 -18.07 14.94
C ARG B 196 9.68 -18.60 13.52
N LEU B 197 9.07 -17.90 12.57
CA LEU B 197 9.07 -18.31 11.17
C LEU B 197 10.49 -18.36 10.59
N SER B 198 11.30 -17.35 10.90
CA SER B 198 12.66 -17.26 10.36
C SER B 198 13.56 -18.33 10.96
N VAL B 199 13.30 -18.66 12.22
CA VAL B 199 13.98 -19.77 12.91
C VAL B 199 13.61 -21.11 12.29
N MET B 200 12.37 -21.21 11.82
CA MET B 200 11.87 -22.44 11.21
C MET B 200 12.39 -22.62 9.79
N GLN B 201 12.39 -21.54 9.01
CA GLN B 201 12.99 -21.54 7.68
C GLN B 201 14.48 -21.91 7.74
N ARG B 202 15.22 -21.26 8.63
CA ARG B 202 16.64 -21.51 8.80
C ARG B 202 16.88 -22.99 9.11
N LYS B 203 15.91 -23.60 9.79
CA LYS B 203 16.00 -24.99 10.22
C LYS B 203 15.40 -25.99 9.20
N TRP B 204 14.44 -25.52 8.38
CA TRP B 204 13.61 -26.40 7.52
C TRP B 204 13.52 -26.02 6.04
N GLY B 205 14.01 -24.84 5.68
CA GLY B 205 13.86 -24.34 4.32
C GLY B 205 12.45 -23.78 4.16
N GLY B 206 12.03 -23.59 2.92
CA GLY B 206 10.69 -23.10 2.66
C GLY B 206 10.54 -21.60 2.84
N GLY B 207 9.30 -21.12 2.70
CA GLY B 207 9.02 -19.71 2.80
C GLY B 207 7.53 -19.43 2.70
N LEU B 208 7.17 -18.14 2.74
CA LEU B 208 5.77 -17.73 2.71
C LEU B 208 5.22 -17.38 1.34
N VAL B 209 3.99 -17.80 1.08
CA VAL B 209 3.25 -17.38 -0.10
C VAL B 209 1.91 -16.76 0.32
N ARG B 210 1.52 -15.69 -0.37
CA ARG B 210 0.15 -15.21 -0.30
C ARG B 210 -0.68 -15.85 -1.43
N ASN B 211 -1.76 -16.52 -1.05
CA ASN B 211 -2.68 -17.17 -1.99
C ASN B 211 -3.65 -16.17 -2.62
N PRO B 212 -3.78 -16.18 -3.97
CA PRO B 212 -4.67 -15.23 -4.64
C PRO B 212 -6.17 -15.47 -4.39
N TYR B 213 -6.51 -16.65 -3.86
CA TYR B 213 -7.88 -16.96 -3.46
C TYR B 213 -8.25 -16.52 -2.04
N SER B 214 -7.24 -16.12 -1.24
CA SER B 214 -7.49 -15.55 0.09
C SER B 214 -8.19 -14.21 0.00
N ARG B 215 -9.28 -14.07 0.76
CA ARG B 215 -9.98 -12.79 0.88
C ARG B 215 -9.11 -11.70 1.54
N ASN B 216 -9.33 -10.45 1.16
CA ASN B 216 -8.56 -9.34 1.69
C ASN B 216 -8.76 -9.12 3.18
N SER B 217 -9.79 -9.75 3.74
CA SER B 217 -10.10 -9.61 5.16
C SER B 217 -9.21 -10.47 6.08
N THR B 218 -8.37 -11.31 5.47
CA THR B 218 -7.42 -12.15 6.20
C THR B 218 -6.01 -11.92 5.66
N HIS B 219 -5.03 -11.91 6.55
CA HIS B 219 -3.65 -11.64 6.19
C HIS B 219 -2.94 -12.97 6.10
N GLU B 220 -3.68 -14.04 5.81
CA GLU B 220 -3.14 -15.39 5.94
C GLU B 220 -2.16 -15.58 4.85
N MET B 221 -1.12 -16.33 5.15
CA MET B 221 -0.15 -16.71 4.16
C MET B 221 0.12 -18.19 4.33
N TYR B 222 0.90 -18.78 3.45
CA TYR B 222 1.22 -20.19 3.61
C TYR B 222 2.71 -20.44 3.63
N PHE B 223 3.16 -21.01 4.74
CA PHE B 223 4.51 -21.47 4.90
C PHE B 223 4.60 -22.84 4.26
N THR B 224 5.29 -22.87 3.13
CA THR B 224 5.38 -24.07 2.30
C THR B 224 6.85 -24.48 2.18
N SER B 225 7.09 -25.78 2.03
CA SER B 225 8.44 -26.34 2.07
C SER B 225 9.33 -25.97 0.87
N ARG B 226 8.73 -25.46 -0.21
CA ARG B 226 9.47 -25.26 -1.46
C ARG B 226 9.49 -23.81 -1.94
N ALA B 227 8.79 -22.91 -1.24
CA ALA B 227 8.85 -21.50 -1.56
C ALA B 227 10.13 -20.97 -0.95
N GLY B 228 10.41 -19.70 -1.16
CA GLY B 228 11.63 -19.13 -0.60
C GLY B 228 11.58 -17.63 -0.62
N GLY B 229 12.63 -17.01 -0.09
CA GLY B 229 12.73 -15.56 -0.05
C GLY B 229 12.83 -15.08 1.38
N ASN B 230 12.90 -13.75 1.53
CA ASN B 230 12.83 -13.15 2.85
C ASN B 230 11.39 -13.16 3.35
N ILE B 231 11.19 -13.63 4.58
CA ILE B 231 9.86 -13.69 5.18
C ILE B 231 9.33 -12.28 5.49
N ILE B 232 10.13 -11.48 6.17
CA ILE B 232 9.80 -10.07 6.44
C ILE B 232 9.44 -9.33 5.15
N GLY B 233 10.20 -9.59 4.08
CA GLY B 233 9.94 -9.00 2.78
C GLY B 233 8.67 -9.54 2.17
N ALA B 234 8.44 -10.84 2.35
CA ALA B 234 7.25 -11.50 1.86
C ALA B 234 6.00 -10.94 2.53
N VAL B 235 6.09 -10.71 3.84
CA VAL B 235 4.97 -10.20 4.59
C VAL B 235 4.70 -8.74 4.23
N THR B 236 5.73 -7.88 4.30
CA THR B 236 5.56 -6.46 3.98
C THR B 236 4.88 -6.24 2.61
N ALA B 237 5.38 -6.96 1.62
CA ALA B 237 4.78 -6.99 0.27
C ALA B 237 3.28 -7.25 0.36
N CYS B 238 2.91 -8.30 1.07
CA CYS B 238 1.51 -8.63 1.24
C CYS B 238 0.72 -7.50 1.95
N THR B 239 1.22 -6.98 3.05
CA THR B 239 0.53 -5.91 3.78
C THR B 239 0.31 -4.70 2.87
N GLU B 240 1.32 -4.39 2.07
CA GLU B 240 1.28 -3.27 1.15
C GLU B 240 0.08 -3.42 0.21
N ARG B 241 -0.09 -4.58 -0.39
CA ARG B 241 -1.23 -4.82 -1.27
C ARG B 241 -2.57 -4.81 -0.53
N LEU B 242 -2.59 -5.33 0.69
CA LEU B 242 -3.85 -5.41 1.41
C LEU B 242 -4.35 -4.02 1.77
N LEU B 243 -3.42 -3.11 2.06
CA LEU B 243 -3.76 -1.72 2.32
C LEU B 243 -4.21 -0.95 1.09
N GLY B 244 -3.61 -1.25 -0.06
CA GLY B 244 -3.98 -0.60 -1.30
C GLY B 244 -5.28 -1.09 -1.87
N ARG B 245 -5.64 -2.34 -1.58
CA ARG B 245 -6.89 -2.91 -2.04
C ARG B 245 -8.11 -2.31 -1.36
N MET B 246 -7.85 -1.40 -0.41
CA MET B 246 -8.92 -0.79 0.38
C MET B 246 -9.65 0.32 -0.36
N ALA B 247 -9.02 0.81 -1.43
CA ALA B 247 -9.61 1.83 -2.28
C ALA B 247 -10.35 1.23 -3.48
N ARG B 248 -10.36 -0.11 -3.54
CA ARG B 248 -10.81 -0.85 -4.73
C ARG B 248 -12.26 -0.63 -5.19
N ARG B 249 -13.22 -1.18 -4.45
CA ARG B 249 -14.66 -1.13 -4.81
C ARG B 249 -15.04 -2.11 -5.92
N ASP B 250 -14.02 -2.72 -6.53
CA ASP B 250 -14.20 -3.72 -7.57
C ASP B 250 -14.86 -4.99 -6.99
N GLY B 251 -15.33 -5.87 -7.87
CA GLY B 251 -15.82 -7.18 -7.45
C GLY B 251 -14.72 -8.22 -7.46
N PRO B 252 -15.03 -9.47 -7.07
CA PRO B 252 -14.03 -10.55 -7.17
C PRO B 252 -13.77 -10.92 -8.62
N VAL B 253 -12.73 -11.73 -8.85
CA VAL B 253 -12.45 -12.25 -10.18
C VAL B 253 -12.98 -13.69 -10.20
N VAL B 254 -14.11 -13.89 -10.87
CA VAL B 254 -14.78 -15.18 -10.88
C VAL B 254 -14.11 -16.16 -11.85
N VAL B 255 -13.92 -17.39 -11.37
CA VAL B 255 -13.33 -18.47 -12.15
C VAL B 255 -14.14 -19.76 -11.88
N PRO B 256 -14.21 -20.69 -12.85
CA PRO B 256 -14.95 -21.95 -12.62
C PRO B 256 -14.42 -22.72 -11.42
N GLU B 257 -15.29 -23.47 -10.76
CA GLU B 257 -14.86 -24.35 -9.68
C GLU B 257 -13.98 -25.44 -10.23
N LEU B 258 -13.29 -26.14 -9.34
CA LEU B 258 -12.57 -27.34 -9.71
C LEU B 258 -13.52 -28.53 -9.63
N ASN B 259 -13.50 -29.34 -10.70
CA ASN B 259 -14.06 -30.67 -10.66
C ASN B 259 -12.88 -31.62 -10.72
N LEU B 260 -12.81 -32.55 -9.77
CA LEU B 260 -11.65 -33.45 -9.68
C LEU B 260 -11.88 -34.79 -10.36
N GLY B 261 -13.14 -35.20 -10.44
CA GLY B 261 -13.49 -36.50 -10.96
C GLY B 261 -14.31 -37.27 -9.95
N THR B 262 -14.65 -38.51 -10.29
CA THR B 262 -15.59 -39.31 -9.51
C THR B 262 -15.05 -40.71 -9.16
N GLY B 263 -14.14 -41.24 -9.98
CA GLY B 263 -13.63 -42.61 -9.77
C GLY B 263 -12.95 -42.93 -8.44
N THR B 264 -12.74 -44.22 -8.20
CA THR B 264 -11.88 -44.67 -7.10
C THR B 264 -10.46 -44.90 -7.63
N ARG B 265 -9.50 -45.07 -6.72
CA ARG B 265 -8.11 -45.22 -7.11
C ARG B 265 -7.48 -46.42 -6.42
N GLY C 1 -11.38 -5.98 -13.10
CA GLY C 1 -11.10 -4.55 -13.43
C GLY C 1 -10.72 -4.36 -14.89
N PRO C 2 -11.73 -4.24 -15.77
CA PRO C 2 -11.54 -4.20 -17.23
C PRO C 2 -10.87 -2.91 -17.75
N GLY C 3 -9.83 -2.46 -17.05
CA GLY C 3 -9.13 -1.23 -17.41
C GLY C 3 -9.60 -0.04 -16.61
N SER C 4 -10.92 0.07 -16.44
CA SER C 4 -11.54 1.17 -15.70
C SER C 4 -11.07 1.26 -14.25
N THR C 5 -10.94 0.10 -13.60
CA THR C 5 -10.62 0.03 -12.18
C THR C 5 -9.17 0.38 -11.87
N GLY C 6 -8.24 -0.20 -12.63
CA GLY C 6 -6.81 0.10 -12.50
C GLY C 6 -6.49 1.55 -12.78
N ALA C 7 -7.24 2.13 -13.72
CA ALA C 7 -7.11 3.54 -14.09
C ALA C 7 -7.49 4.47 -12.95
N SER C 8 -8.68 4.28 -12.38
CA SER C 8 -9.12 5.11 -11.26
C SER C 8 -8.24 4.88 -10.03
N LEU C 9 -7.73 3.66 -9.88
CA LEU C 9 -6.75 3.37 -8.82
C LEU C 9 -5.51 4.22 -8.99
N GLY C 10 -4.99 4.25 -10.21
CA GLY C 10 -3.82 5.06 -10.53
C GLY C 10 -4.08 6.53 -10.26
N MET C 11 -5.24 7.01 -10.69
CA MET C 11 -5.65 8.38 -10.44
C MET C 11 -5.73 8.64 -8.95
N MET C 12 -6.24 7.65 -8.24
CA MET C 12 -6.30 7.64 -6.78
C MET C 12 -4.90 7.90 -6.19
N TRP C 13 -3.91 7.16 -6.69
CA TRP C 13 -2.54 7.30 -6.23
C TRP C 13 -2.02 8.70 -6.50
N LYS C 14 -2.30 9.18 -7.71
CA LYS C 14 -1.84 10.48 -8.17
C LYS C 14 -2.43 11.60 -7.33
N ASP C 15 -3.76 11.55 -7.14
CA ASP C 15 -4.48 12.48 -6.27
C ASP C 15 -3.80 12.64 -4.92
N LYS C 16 -3.56 11.52 -4.23
CA LYS C 16 -2.98 11.55 -2.90
C LYS C 16 -1.54 12.07 -2.91
N LEU C 17 -0.79 11.68 -3.92
CA LEU C 17 0.59 12.13 -4.07
C LEU C 17 0.65 13.64 -4.19
N ASN C 18 -0.18 14.22 -5.06
CA ASN C 18 -0.25 15.67 -5.23
C ASN C 18 -0.74 16.42 -3.97
N ALA C 19 -1.51 15.73 -3.13
CA ALA C 19 -2.06 16.31 -1.91
C ALA C 19 -1.17 16.08 -0.67
N MET C 20 0.01 15.50 -0.88
CA MET C 20 0.92 15.23 0.24
C MET C 20 1.69 16.49 0.59
N THR C 21 1.97 16.66 1.87
CA THR C 21 2.87 17.69 2.38
C THR C 21 4.30 17.46 1.88
N LYS C 22 5.09 18.53 1.79
CA LYS C 22 6.52 18.45 1.48
C LYS C 22 7.15 17.32 2.31
N GLU C 23 6.89 17.37 3.61
CA GLU C 23 7.40 16.40 4.58
C GLU C 23 6.91 14.97 4.27
N GLU C 24 5.61 14.83 3.99
CA GLU C 24 5.02 13.54 3.64
C GLU C 24 5.66 12.94 2.38
N PHE C 25 5.47 13.64 1.26
CA PHE C 25 6.07 13.29 -0.03
C PHE C 25 7.52 12.82 0.07
N THR C 26 8.32 13.50 0.87
CA THR C 26 9.75 13.19 0.97
C THR C 26 10.02 11.84 1.61
N ARG C 27 9.22 11.49 2.62
CA ARG C 27 9.37 10.21 3.29
C ARG C 27 8.83 9.10 2.41
N TYR C 28 7.70 9.37 1.77
CA TYR C 28 7.10 8.44 0.85
C TYR C 28 8.10 8.06 -0.26
N LYS C 29 8.63 9.07 -0.94
CA LYS C 29 9.58 8.90 -2.05
C LYS C 29 10.40 7.61 -1.91
N ARG C 30 11.06 7.46 -0.77
CA ARG C 30 12.07 6.42 -0.54
C ARG C 30 11.59 5.25 0.31
N ALA C 31 10.39 5.38 0.88
CA ALA C 31 9.92 4.44 1.90
C ALA C 31 10.01 2.99 1.44
N GLY C 32 10.94 2.25 2.02
CA GLY C 32 11.13 0.85 1.70
C GLY C 32 11.55 0.59 0.26
N VAL C 33 12.11 1.60 -0.38
CA VAL C 33 12.59 1.49 -1.75
C VAL C 33 14.07 1.14 -1.76
N MET C 34 14.49 0.34 -2.74
CA MET C 34 15.89 -0.01 -2.84
C MET C 34 16.69 1.13 -3.43
N GLU C 35 17.74 1.51 -2.70
CA GLU C 35 18.57 2.64 -3.04
C GLU C 35 20.05 2.24 -2.91
N THR C 36 20.82 2.32 -4.00
CA THR C 36 22.26 2.17 -3.91
C THR C 36 22.87 3.37 -3.18
N ASP C 37 23.80 3.09 -2.26
CA ASP C 37 24.46 4.12 -1.46
C ASP C 37 25.61 4.74 -2.25
N ARG C 38 25.34 5.91 -2.85
CA ARG C 38 26.31 6.55 -3.71
C ARG C 38 26.86 7.86 -3.17
N LYS C 39 27.31 7.84 -1.92
CA LYS C 39 28.06 8.95 -1.35
C LYS C 39 29.50 8.90 -1.86
N GLU C 40 30.00 7.68 -2.09
CA GLU C 40 31.35 7.47 -2.60
C GLU C 40 31.41 7.68 -4.11
N ALA C 41 30.32 7.35 -4.81
CA ALA C 41 30.25 7.51 -6.26
C ALA C 41 30.05 8.96 -6.65
N ARG C 42 29.15 9.66 -5.97
CA ARG C 42 28.91 11.07 -6.21
C ARG C 42 30.16 11.93 -5.96
N ASP C 43 31.07 11.43 -5.12
CA ASP C 43 32.38 12.06 -4.88
C ASP C 43 33.22 12.08 -6.16
N TYR C 44 33.42 10.90 -6.76
CA TYR C 44 34.17 10.77 -8.01
C TYR C 44 33.54 11.54 -9.16
N LEU C 45 32.21 11.61 -9.17
CA LEU C 45 31.45 12.23 -10.26
C LEU C 45 31.26 13.75 -10.15
N LYS C 46 31.94 14.39 -9.20
CA LYS C 46 31.94 15.84 -9.11
C LYS C 46 33.20 16.43 -9.76
N ARG C 47 34.36 15.95 -9.33
CA ARG C 47 35.64 16.25 -9.98
C ARG C 47 36.71 15.35 -9.38
N GLY C 48 37.68 14.93 -10.21
CA GLY C 48 38.77 14.08 -9.75
C GLY C 48 39.04 12.92 -10.69
N ASP C 49 38.94 11.71 -10.17
CA ASP C 49 39.22 10.51 -10.93
C ASP C 49 37.99 10.02 -11.70
N GLY C 50 38.11 9.96 -13.02
CA GLY C 50 37.07 9.40 -13.88
C GLY C 50 37.42 7.97 -14.21
N LYS C 51 38.34 7.39 -13.43
CA LYS C 51 38.76 6.00 -13.58
C LYS C 51 38.11 5.11 -12.49
N THR C 52 36.80 4.97 -12.60
CA THR C 52 36.02 4.08 -11.74
C THR C 52 35.00 3.33 -12.57
N GLY C 53 34.58 2.17 -12.07
CA GLY C 53 33.48 1.42 -12.66
C GLY C 53 32.15 1.84 -12.04
N LEU C 54 32.24 2.70 -11.02
CA LEU C 54 31.10 3.19 -10.26
C LEU C 54 30.11 3.95 -11.11
N SER C 55 28.84 3.57 -10.97
CA SER C 55 27.74 4.04 -11.83
C SER C 55 27.62 5.55 -11.87
N VAL C 56 27.36 6.09 -13.06
CA VAL C 56 27.21 7.53 -13.22
C VAL C 56 25.87 8.02 -12.67
N SER C 57 24.88 7.13 -12.68
CA SER C 57 23.58 7.47 -12.15
C SER C 57 22.95 6.29 -11.44
N ARG C 58 21.76 6.53 -10.87
CA ARG C 58 21.00 5.50 -10.18
C ARG C 58 20.34 4.52 -11.15
N GLY C 59 20.36 4.84 -12.44
CA GLY C 59 19.74 4.00 -13.45
C GLY C 59 20.48 2.72 -13.82
N THR C 60 21.76 2.62 -13.44
CA THR C 60 22.55 1.42 -13.69
C THR C 60 21.94 0.19 -12.98
N ALA C 61 21.68 0.35 -11.68
CA ALA C 61 21.13 -0.74 -10.87
C ALA C 61 19.76 -1.13 -11.42
N LYS C 62 18.91 -0.14 -11.65
CA LYS C 62 17.63 -0.37 -12.35
C LYS C 62 17.73 -1.41 -13.46
N LEU C 63 18.67 -1.22 -14.38
CA LEU C 63 18.83 -2.12 -15.53
C LEU C 63 19.49 -3.42 -15.11
N ALA C 64 20.55 -3.31 -14.32
CA ALA C 64 21.26 -4.45 -13.77
C ALA C 64 20.29 -5.49 -13.21
N TRP C 65 19.39 -5.02 -12.34
CA TRP C 65 18.37 -5.83 -11.71
C TRP C 65 17.51 -6.59 -12.74
N MET C 66 17.18 -5.92 -13.84
CA MET C 66 16.33 -6.49 -14.88
C MET C 66 17.10 -7.44 -15.77
N GLU C 67 18.39 -7.18 -15.90
CA GLU C 67 19.28 -7.98 -16.73
C GLU C 67 19.72 -9.24 -15.98
N GLU C 68 19.91 -9.14 -14.68
CA GLU C 68 20.33 -10.30 -13.88
C GLU C 68 19.16 -11.03 -13.22
N ARG C 69 17.95 -10.75 -13.70
CA ARG C 69 16.80 -11.59 -13.42
C ARG C 69 16.15 -12.08 -14.71
N GLY C 70 16.86 -11.88 -15.82
CA GLY C 70 16.44 -12.36 -17.11
C GLY C 70 15.18 -11.74 -17.68
N TYR C 71 14.90 -10.49 -17.33
CA TYR C 71 13.81 -9.74 -17.97
C TYR C 71 14.27 -9.15 -19.31
N VAL C 72 15.58 -8.97 -19.43
CA VAL C 72 16.21 -8.55 -20.67
C VAL C 72 17.49 -9.36 -20.79
N GLU C 73 17.95 -9.52 -22.02
CA GLU C 73 19.30 -9.97 -22.26
C GLU C 73 19.95 -8.99 -23.21
N LEU C 74 21.19 -8.63 -22.90
CA LEU C 74 21.91 -7.63 -23.67
C LEU C 74 23.01 -8.30 -24.49
N THR C 75 22.87 -8.20 -25.82
CA THR C 75 23.76 -8.87 -26.78
C THR C 75 23.86 -8.10 -28.10
N GLY C 76 25.06 -8.02 -28.67
CA GLY C 76 25.27 -7.40 -29.97
C GLY C 76 25.25 -5.88 -29.99
N ARG C 77 24.50 -5.32 -30.94
CA ARG C 77 24.36 -3.87 -31.11
C ARG C 77 23.18 -3.40 -30.28
N VAL C 78 23.45 -2.47 -29.37
CA VAL C 78 22.45 -1.90 -28.46
C VAL C 78 22.23 -0.43 -28.79
N VAL C 79 20.98 0.01 -28.73
CA VAL C 79 20.67 1.44 -28.80
C VAL C 79 20.04 1.93 -27.49
N ASP C 80 20.53 3.06 -27.00
CA ASP C 80 20.01 3.70 -25.78
C ASP C 80 19.37 5.02 -26.17
N LEU C 81 18.05 5.01 -26.26
CA LEU C 81 17.29 6.21 -26.59
C LEU C 81 16.97 7.02 -25.33
N GLY C 82 17.52 8.23 -25.27
CA GLY C 82 17.45 9.06 -24.08
C GLY C 82 18.39 8.56 -22.99
N CYS C 83 19.69 8.66 -23.23
CA CYS C 83 20.67 8.03 -22.35
C CYS C 83 21.07 8.86 -21.13
N GLY C 84 20.63 10.11 -21.07
CA GLY C 84 21.01 11.01 -19.97
C GLY C 84 22.51 10.95 -19.74
N ARG C 85 22.90 10.81 -18.47
CA ARG C 85 24.30 10.64 -18.09
C ARG C 85 24.93 9.37 -18.68
N GLY C 86 24.11 8.34 -18.91
CA GLY C 86 24.57 7.13 -19.60
C GLY C 86 24.64 5.83 -18.81
N GLY C 87 24.03 5.80 -17.62
CA GLY C 87 24.11 4.64 -16.74
C GLY C 87 23.75 3.30 -17.40
N TRP C 88 22.76 3.33 -18.30
CA TRP C 88 22.34 2.11 -18.98
C TRP C 88 23.37 1.73 -20.04
N SER C 89 23.89 2.74 -20.72
CA SER C 89 24.91 2.53 -21.74
C SER C 89 26.16 1.88 -21.15
N TYR C 90 26.70 2.46 -20.08
CA TYR C 90 27.90 1.93 -19.43
C TYR C 90 27.69 0.54 -18.86
N TYR C 91 26.48 0.26 -18.40
CA TYR C 91 26.13 -1.07 -17.95
C TYR C 91 26.22 -2.01 -19.13
N ALA C 92 25.41 -1.73 -20.15
CA ALA C 92 25.38 -2.50 -21.39
C ALA C 92 26.78 -2.79 -21.95
N ALA C 93 27.64 -1.78 -21.92
CA ALA C 93 29.01 -1.87 -22.36
C ALA C 93 29.81 -2.93 -21.58
N SER C 94 29.62 -2.97 -20.27
CA SER C 94 30.35 -3.90 -19.39
C SER C 94 29.97 -5.36 -19.59
N ARG C 95 28.77 -5.59 -20.12
CA ARG C 95 28.27 -6.95 -20.28
C ARG C 95 28.92 -7.60 -21.50
N PRO C 96 29.46 -8.82 -21.31
CA PRO C 96 30.43 -9.42 -22.24
C PRO C 96 29.85 -9.90 -23.58
N HIS C 97 28.54 -10.17 -23.62
CA HIS C 97 27.87 -10.58 -24.84
C HIS C 97 27.44 -9.38 -25.71
N VAL C 98 27.86 -8.17 -25.31
CA VAL C 98 27.55 -6.93 -26.05
C VAL C 98 28.77 -6.42 -26.83
N MET C 99 28.54 -5.89 -28.02
CA MET C 99 29.62 -5.45 -28.90
C MET C 99 29.59 -3.94 -29.23
N ASP C 100 28.39 -3.37 -29.30
CA ASP C 100 28.21 -2.01 -29.81
C ASP C 100 27.05 -1.29 -29.11
N VAL C 101 27.37 -0.18 -28.45
CA VAL C 101 26.35 0.66 -27.82
C VAL C 101 26.31 2.04 -28.48
N ARG C 102 25.21 2.32 -29.14
CA ARG C 102 24.94 3.64 -29.70
C ARG C 102 23.95 4.32 -28.76
N ALA C 103 24.36 5.48 -28.23
CA ALA C 103 23.59 6.15 -27.18
C ALA C 103 23.31 7.59 -27.57
N TYR C 104 22.04 7.93 -27.69
CA TYR C 104 21.63 9.30 -28.05
C TYR C 104 20.97 10.04 -26.88
N THR C 105 21.02 11.38 -26.92
CA THR C 105 20.35 12.25 -25.93
C THR C 105 20.26 13.69 -26.43
N LEU C 106 19.58 14.55 -25.67
CA LEU C 106 19.51 15.99 -25.95
C LEU C 106 20.73 16.68 -25.37
N GLY C 107 20.73 16.87 -24.06
CA GLY C 107 21.80 17.58 -23.36
C GLY C 107 21.92 19.01 -23.84
N VAL C 108 20.86 19.80 -23.63
CA VAL C 108 20.79 21.12 -24.22
C VAL C 108 20.27 22.18 -23.24
N GLY C 109 19.08 21.95 -22.70
CA GLY C 109 18.39 22.97 -21.91
C GLY C 109 18.33 22.65 -20.43
N GLY C 110 19.49 22.33 -19.86
CA GLY C 110 19.58 21.87 -18.49
C GLY C 110 19.32 20.37 -18.38
N HIS C 111 19.25 19.70 -19.53
CA HIS C 111 19.13 18.24 -19.58
C HIS C 111 20.45 17.58 -19.17
N GLU C 112 20.39 16.28 -18.92
CA GLU C 112 21.56 15.56 -18.44
C GLU C 112 22.59 15.41 -19.55
N VAL C 113 23.86 15.67 -19.22
CA VAL C 113 24.98 15.50 -20.15
C VAL C 113 25.61 14.14 -19.87
N PRO C 114 25.81 13.32 -20.93
CA PRO C 114 26.59 12.09 -20.81
C PRO C 114 27.91 12.29 -20.08
N ARG C 115 28.15 11.49 -19.05
CA ARG C 115 29.41 11.57 -18.30
C ARG C 115 30.39 10.59 -18.88
N ILE C 116 31.44 11.11 -19.50
CA ILE C 116 32.49 10.29 -20.10
C ILE C 116 33.38 9.74 -18.98
N THR C 117 33.54 8.42 -18.96
CA THR C 117 34.18 7.72 -17.85
C THR C 117 34.96 6.54 -18.38
N GLU C 118 35.95 6.08 -17.63
CA GLU C 118 36.81 4.96 -18.04
C GLU C 118 36.28 3.58 -17.62
N SER C 119 34.97 3.47 -17.44
CA SER C 119 34.35 2.22 -16.97
C SER C 119 34.33 1.13 -18.03
N TYR C 120 34.51 -0.11 -17.59
CA TYR C 120 34.58 -1.31 -18.44
C TYR C 120 33.77 -1.18 -19.72
N GLY C 121 34.47 -1.13 -20.85
CA GLY C 121 33.84 -1.14 -22.16
C GLY C 121 33.47 0.22 -22.74
N TRP C 122 34.00 1.31 -22.16
CA TRP C 122 33.61 2.67 -22.54
C TRP C 122 33.75 2.98 -24.03
N ASN C 123 34.85 2.52 -24.61
CA ASN C 123 35.14 2.68 -26.04
C ASN C 123 34.01 2.19 -26.96
N ILE C 124 33.29 1.16 -26.52
CA ILE C 124 32.16 0.57 -27.25
C ILE C 124 30.96 1.54 -27.36
N VAL C 125 30.86 2.50 -26.44
CA VAL C 125 29.73 3.42 -26.44
C VAL C 125 30.00 4.64 -27.32
N LYS C 126 29.05 4.96 -28.19
CA LYS C 126 29.16 6.12 -29.08
C LYS C 126 28.03 7.10 -28.79
N PHE C 127 28.29 8.08 -27.92
CA PHE C 127 27.30 9.09 -27.57
C PHE C 127 27.00 10.06 -28.70
N LYS C 128 25.85 10.73 -28.61
CA LYS C 128 25.43 11.76 -29.57
C LYS C 128 24.40 12.70 -28.94
N SER C 129 24.87 13.85 -28.49
CA SER C 129 23.99 14.83 -27.86
C SER C 129 23.15 15.59 -28.90
N ARG C 130 22.29 16.50 -28.40
CA ARG C 130 21.43 17.35 -29.24
C ARG C 130 20.53 16.56 -30.20
N VAL C 131 20.12 15.37 -29.76
CA VAL C 131 19.33 14.47 -30.60
C VAL C 131 17.97 14.21 -29.96
N ASP C 132 16.91 14.58 -30.69
CA ASP C 132 15.55 14.22 -30.33
C ASP C 132 15.33 12.83 -30.89
N ILE C 133 14.98 11.88 -30.02
CA ILE C 133 14.85 10.49 -30.42
C ILE C 133 13.62 10.23 -31.28
N HIS C 134 12.67 11.15 -31.20
CA HIS C 134 11.44 11.08 -31.99
C HIS C 134 11.71 11.38 -33.47
N THR C 135 12.74 12.19 -33.72
CA THR C 135 13.15 12.59 -35.06
C THR C 135 14.06 11.55 -35.68
N LEU C 136 14.70 10.73 -34.85
CA LEU C 136 15.66 9.73 -35.31
C LEU C 136 15.15 8.81 -36.42
N PRO C 137 15.96 8.64 -37.48
CA PRO C 137 15.65 7.57 -38.41
C PRO C 137 16.00 6.25 -37.75
N VAL C 138 15.11 5.27 -37.84
CA VAL C 138 15.33 3.97 -37.22
C VAL C 138 16.55 3.26 -37.83
N GLU C 139 17.38 2.70 -36.96
CA GLU C 139 18.56 1.94 -37.39
C GLU C 139 18.36 0.48 -37.04
N ARG C 140 19.26 -0.37 -37.50
CA ARG C 140 19.26 -1.78 -37.13
C ARG C 140 19.93 -2.00 -35.77
N THR C 141 19.29 -2.84 -34.95
CA THR C 141 19.76 -3.07 -33.58
C THR C 141 19.38 -4.48 -33.15
N ASP C 142 20.07 -4.98 -32.14
CA ASP C 142 19.69 -6.23 -31.50
C ASP C 142 18.89 -5.96 -30.22
N VAL C 143 19.18 -4.82 -29.58
CA VAL C 143 18.59 -4.45 -28.29
C VAL C 143 18.20 -2.96 -28.26
N ILE C 144 16.95 -2.70 -27.90
CA ILE C 144 16.40 -1.34 -27.83
C ILE C 144 16.11 -1.00 -26.37
N MET C 145 16.74 0.08 -25.89
CA MET C 145 16.48 0.58 -24.55
C MET C 145 16.03 2.04 -24.57
N CYS C 146 15.05 2.35 -23.73
CA CYS C 146 14.50 3.69 -23.70
C CYS C 146 13.95 3.98 -22.33
N ASP C 147 14.68 4.80 -21.59
CA ASP C 147 14.34 5.12 -20.21
C ASP C 147 13.92 6.57 -20.15
N VAL C 148 12.86 6.92 -20.88
CA VAL C 148 12.41 8.30 -20.96
C VAL C 148 10.99 8.52 -20.44
N GLY C 149 10.80 9.63 -19.71
CA GLY C 149 9.50 10.00 -19.17
C GLY C 149 9.67 11.11 -18.16
N GLU C 150 9.37 12.34 -18.58
CA GLU C 150 9.40 13.47 -17.65
C GLU C 150 8.13 13.37 -16.81
N SER C 151 8.30 13.29 -15.49
CA SER C 151 7.17 13.13 -14.60
C SER C 151 6.37 14.41 -14.55
N SER C 152 5.06 14.31 -14.30
CA SER C 152 4.19 15.49 -14.22
C SER C 152 3.06 15.30 -13.20
N PRO C 153 2.62 16.39 -12.53
CA PRO C 153 1.49 16.32 -11.61
C PRO C 153 0.15 15.97 -12.28
N LYS C 154 0.07 16.17 -13.59
CA LYS C 154 -1.07 15.71 -14.38
C LYS C 154 -0.75 14.35 -15.02
N TRP C 155 -1.60 13.36 -14.76
CA TRP C 155 -1.45 12.02 -15.35
C TRP C 155 -1.67 12.07 -16.86
N SER C 156 -2.43 13.07 -17.31
CA SER C 156 -2.79 13.24 -18.70
C SER C 156 -1.54 13.49 -19.55
N VAL C 157 -0.71 14.42 -19.09
CA VAL C 157 0.54 14.75 -19.76
C VAL C 157 1.46 13.54 -19.73
N GLU C 158 1.52 12.90 -18.55
CA GLU C 158 2.32 11.70 -18.37
C GLU C 158 1.94 10.55 -19.33
N SER C 159 0.64 10.35 -19.56
CA SER C 159 0.20 9.27 -20.46
C SER C 159 0.39 9.66 -21.91
N GLU C 160 0.20 10.94 -22.21
CA GLU C 160 0.49 11.48 -23.55
C GLU C 160 1.96 11.29 -23.89
N ARG C 161 2.83 11.64 -22.93
CA ARG C 161 4.28 11.40 -23.04
C ARG C 161 4.61 9.91 -23.19
N THR C 162 3.92 9.07 -22.41
CA THR C 162 4.13 7.62 -22.44
C THR C 162 3.79 7.00 -23.80
N ILE C 163 2.62 7.36 -24.35
CA ILE C 163 2.16 6.86 -25.64
C ILE C 163 3.19 7.13 -26.73
N LYS C 164 3.74 8.34 -26.72
CA LYS C 164 4.79 8.75 -27.65
C LYS C 164 5.97 7.81 -27.60
N ILE C 165 6.31 7.34 -26.41
CA ILE C 165 7.41 6.39 -26.23
C ILE C 165 7.07 5.00 -26.73
N LEU C 166 5.79 4.64 -26.65
CA LEU C 166 5.33 3.38 -27.22
C LEU C 166 5.14 3.50 -28.73
N GLU C 167 4.83 4.71 -29.19
CA GLU C 167 4.83 5.02 -30.63
C GLU C 167 6.25 5.00 -31.16
N LEU C 168 7.20 5.35 -30.30
CA LEU C 168 8.62 5.38 -30.61
C LEU C 168 9.25 3.99 -30.57
N LEU C 169 8.79 3.16 -29.63
CA LEU C 169 9.21 1.77 -29.59
C LEU C 169 8.66 1.03 -30.79
N GLU C 170 7.42 1.32 -31.13
CA GLU C 170 6.73 0.74 -32.27
C GLU C 170 7.60 0.82 -33.54
N LYS C 171 7.98 2.03 -33.91
CA LYS C 171 8.80 2.29 -35.10
C LYS C 171 10.05 1.42 -35.12
N TRP C 172 10.79 1.45 -34.02
CA TRP C 172 12.07 0.76 -33.88
C TRP C 172 11.92 -0.75 -33.82
N LYS C 173 10.74 -1.19 -33.41
CA LYS C 173 10.45 -2.59 -33.23
C LYS C 173 10.07 -3.19 -34.58
N VAL C 174 9.55 -2.35 -35.47
CA VAL C 174 9.19 -2.79 -36.83
C VAL C 174 10.42 -3.19 -37.62
N LYS C 175 11.43 -2.31 -37.68
CA LYS C 175 12.65 -2.56 -38.45
C LYS C 175 13.53 -3.65 -37.83
N ASN C 176 13.46 -3.78 -36.51
CA ASN C 176 14.15 -4.84 -35.80
C ASN C 176 13.13 -5.77 -35.16
N PRO C 177 12.72 -6.81 -35.92
CA PRO C 177 11.52 -7.58 -35.64
C PRO C 177 11.62 -8.42 -34.36
N SER C 178 12.73 -9.13 -34.20
CA SER C 178 12.92 -9.98 -33.02
C SER C 178 14.00 -9.42 -32.10
N ALA C 179 14.00 -8.10 -31.94
CA ALA C 179 14.96 -7.43 -31.08
C ALA C 179 14.43 -7.34 -29.65
N ASP C 180 15.33 -7.54 -28.68
CA ASP C 180 15.01 -7.32 -27.28
C ASP C 180 14.70 -5.83 -27.06
N PHE C 181 13.78 -5.54 -26.15
CA PHE C 181 13.43 -4.15 -25.82
C PHE C 181 13.22 -3.94 -24.33
N VAL C 182 13.70 -2.80 -23.82
CA VAL C 182 13.45 -2.35 -22.45
C VAL C 182 12.98 -0.91 -22.51
N VAL C 183 11.70 -0.70 -22.23
CA VAL C 183 11.12 0.62 -22.37
C VAL C 183 10.48 1.11 -21.09
N LYS C 184 10.62 2.40 -20.81
CA LYS C 184 9.99 3.01 -19.65
C LYS C 184 8.53 3.36 -19.93
N VAL C 185 7.62 2.72 -19.20
CA VAL C 185 6.23 3.16 -19.16
C VAL C 185 5.97 4.05 -17.94
N LEU C 186 6.11 5.36 -18.14
CA LEU C 186 6.00 6.30 -17.03
C LEU C 186 4.66 6.19 -16.32
N CYS C 187 3.59 6.19 -17.09
CA CYS C 187 2.25 6.16 -16.54
C CYS C 187 1.49 4.97 -17.14
N PRO C 188 1.53 3.80 -16.47
CA PRO C 188 0.86 2.63 -17.00
C PRO C 188 -0.64 2.57 -16.76
N TYR C 189 -1.14 3.22 -15.73
CA TYR C 189 -2.54 3.00 -15.30
C TYR C 189 -3.61 3.59 -16.22
N SER C 190 -3.24 4.49 -17.13
CA SER C 190 -4.23 5.15 -17.97
C SER C 190 -4.72 4.14 -19.00
N VAL C 191 -6.03 4.16 -19.26
CA VAL C 191 -6.64 3.23 -20.19
C VAL C 191 -6.09 3.37 -21.61
N GLU C 192 -5.78 4.61 -21.99
CA GLU C 192 -5.13 4.89 -23.27
C GLU C 192 -3.89 4.02 -23.40
N VAL C 193 -3.08 4.02 -22.34
CA VAL C 193 -1.80 3.33 -22.30
C VAL C 193 -1.95 1.81 -22.22
N MET C 194 -2.99 1.36 -21.51
CA MET C 194 -3.16 -0.07 -21.29
C MET C 194 -3.64 -0.78 -22.55
N GLU C 195 -4.57 -0.17 -23.26
CA GLU C 195 -5.05 -0.70 -24.52
C GLU C 195 -3.88 -0.88 -25.49
N ARG C 196 -3.06 0.16 -25.61
CA ARG C 196 -1.92 0.14 -26.51
C ARG C 196 -0.75 -0.70 -26.03
N LEU C 197 -0.74 -1.03 -24.73
CA LEU C 197 0.30 -1.89 -24.21
C LEU C 197 -0.08 -3.33 -24.53
N SER C 198 -1.39 -3.59 -24.52
CA SER C 198 -1.92 -4.93 -24.79
C SER C 198 -1.87 -5.24 -26.27
N VAL C 199 -2.00 -4.18 -27.08
CA VAL C 199 -1.88 -4.28 -28.53
C VAL C 199 -0.47 -4.70 -28.88
N MET C 200 0.50 -4.04 -28.26
CA MET C 200 1.91 -4.28 -28.53
C MET C 200 2.42 -5.57 -27.91
N GLN C 201 1.83 -5.96 -26.78
CA GLN C 201 2.26 -7.18 -26.11
C GLN C 201 2.03 -8.39 -26.99
N ARG C 202 0.82 -8.51 -27.53
CA ARG C 202 0.46 -9.67 -28.33
C ARG C 202 1.28 -9.73 -29.61
N LYS C 203 1.60 -8.56 -30.16
CA LYS C 203 2.39 -8.45 -31.38
C LYS C 203 3.88 -8.75 -31.13
N TRP C 204 4.41 -8.27 -30.00
CA TRP C 204 5.86 -8.30 -29.74
C TRP C 204 6.30 -9.10 -28.50
N GLY C 205 5.38 -9.77 -27.83
CA GLY C 205 5.68 -10.48 -26.59
C GLY C 205 6.01 -9.56 -25.41
N GLY C 206 6.66 -10.12 -24.40
CA GLY C 206 7.10 -9.33 -23.26
C GLY C 206 5.98 -8.97 -22.30
N GLY C 207 6.30 -8.08 -21.36
CA GLY C 207 5.34 -7.62 -20.35
C GLY C 207 5.92 -6.55 -19.43
N LEU C 208 5.30 -6.36 -18.27
CA LEU C 208 5.68 -5.30 -17.35
C LEU C 208 6.36 -5.79 -16.06
N VAL C 209 7.27 -4.97 -15.54
CA VAL C 209 7.85 -5.21 -14.22
C VAL C 209 7.97 -3.90 -13.47
N ARG C 210 7.68 -3.92 -12.19
CA ARG C 210 7.98 -2.77 -11.37
C ARG C 210 9.39 -2.93 -10.82
N ASN C 211 10.27 -2.01 -11.19
CA ASN C 211 11.65 -2.02 -10.70
C ASN C 211 11.72 -1.58 -9.24
N PRO C 212 12.28 -2.44 -8.36
CA PRO C 212 12.34 -2.12 -6.93
C PRO C 212 13.20 -0.90 -6.62
N TYR C 213 13.99 -0.43 -7.58
CA TYR C 213 14.76 0.80 -7.40
C TYR C 213 13.98 2.07 -7.78
N SER C 214 12.77 1.91 -8.32
CA SER C 214 11.96 3.06 -8.68
C SER C 214 11.33 3.59 -7.41
N ARG C 215 11.38 4.92 -7.24
CA ARG C 215 10.77 5.58 -6.11
C ARG C 215 9.25 5.40 -6.10
N ASN C 216 8.68 5.44 -4.90
CA ASN C 216 7.24 5.35 -4.72
C ASN C 216 6.51 6.54 -5.33
N SER C 217 7.21 7.66 -5.48
CA SER C 217 6.63 8.88 -6.02
C SER C 217 6.35 8.78 -7.51
N THR C 218 6.96 7.81 -8.18
CA THR C 218 6.68 7.56 -9.58
C THR C 218 6.03 6.20 -9.76
N HIS C 219 5.26 6.06 -10.85
CA HIS C 219 4.54 4.82 -11.16
C HIS C 219 5.17 4.17 -12.38
N GLU C 220 6.44 4.48 -12.64
CA GLU C 220 7.11 3.92 -13.82
C GLU C 220 7.14 2.40 -13.76
N MET C 221 6.87 1.78 -14.90
CA MET C 221 7.08 0.35 -15.05
C MET C 221 7.76 0.16 -16.39
N TYR C 222 8.62 -0.85 -16.46
CA TYR C 222 9.28 -1.11 -17.71
C TYR C 222 8.58 -2.21 -18.50
N PHE C 223 8.46 -1.98 -19.80
CA PHE C 223 7.95 -2.95 -20.75
C PHE C 223 9.16 -3.61 -21.37
N THR C 224 9.39 -4.87 -21.02
CA THR C 224 10.55 -5.57 -21.50
C THR C 224 10.14 -6.70 -22.43
N SER C 225 11.11 -7.34 -23.07
CA SER C 225 10.84 -8.33 -24.10
C SER C 225 10.74 -9.74 -23.56
N ARG C 226 11.38 -9.99 -22.42
CA ARG C 226 11.50 -11.35 -21.90
C ARG C 226 10.74 -11.51 -20.59
N ALA C 227 9.71 -10.68 -20.40
CA ALA C 227 8.84 -10.73 -19.22
C ALA C 227 7.45 -11.25 -19.58
N GLY C 228 6.75 -11.83 -18.61
CA GLY C 228 5.42 -12.38 -18.88
C GLY C 228 4.31 -11.70 -18.10
N GLY C 229 3.09 -12.20 -18.30
CA GLY C 229 1.97 -11.82 -17.46
C GLY C 229 0.89 -11.01 -18.12
N ASN C 230 -0.27 -10.98 -17.48
CA ASN C 230 -1.37 -10.12 -17.89
C ASN C 230 -1.06 -8.70 -17.49
N ILE C 231 -1.15 -7.79 -18.46
CA ILE C 231 -0.79 -6.39 -18.24
C ILE C 231 -1.59 -5.69 -17.12
N ILE C 232 -2.91 -5.73 -17.19
CA ILE C 232 -3.78 -5.11 -16.18
C ILE C 232 -3.48 -5.68 -14.80
N GLY C 233 -3.33 -7.00 -14.72
CA GLY C 233 -2.96 -7.70 -13.49
C GLY C 233 -1.58 -7.36 -12.96
N ALA C 234 -0.73 -6.76 -13.78
CA ALA C 234 0.62 -6.40 -13.36
C ALA C 234 0.66 -4.98 -12.84
N VAL C 235 -0.17 -4.12 -13.44
CA VAL C 235 -0.22 -2.69 -13.14
C VAL C 235 -0.97 -2.49 -11.82
N THR C 236 -2.17 -3.03 -11.76
CA THR C 236 -2.99 -2.98 -10.55
C THR C 236 -2.16 -3.43 -9.35
N ALA C 237 -1.45 -4.55 -9.52
CA ALA C 237 -0.57 -5.09 -8.48
C ALA C 237 0.44 -4.05 -8.00
N CYS C 238 1.07 -3.36 -8.94
CA CYS C 238 2.03 -2.34 -8.63
C CYS C 238 1.38 -1.13 -7.96
N THR C 239 0.19 -0.77 -8.42
CA THR C 239 -0.54 0.38 -7.89
C THR C 239 -0.99 0.15 -6.45
N GLU C 240 -1.66 -0.98 -6.21
CA GLU C 240 -2.10 -1.39 -4.88
C GLU C 240 -0.95 -1.25 -3.87
N ARG C 241 0.22 -1.70 -4.29
CA ARG C 241 1.40 -1.69 -3.45
C ARG C 241 1.85 -0.25 -3.17
N LEU C 242 1.88 0.57 -4.21
CA LEU C 242 2.25 1.95 -4.05
C LEU C 242 1.30 2.69 -3.11
N LEU C 243 0.01 2.39 -3.23
CA LEU C 243 -0.98 2.92 -2.30
C LEU C 243 -0.70 2.45 -0.88
N GLY C 244 -0.43 1.15 -0.72
CA GLY C 244 -0.09 0.55 0.57
C GLY C 244 1.07 1.26 1.22
N ARG C 245 2.10 1.52 0.43
CA ARG C 245 3.35 2.07 0.96
C ARG C 245 3.18 3.47 1.53
N MET C 246 1.99 4.05 1.38
CA MET C 246 1.73 5.39 1.90
C MET C 246 1.57 5.37 3.41
N ALA C 247 1.54 4.17 3.97
CA ALA C 247 1.44 4.01 5.40
C ALA C 247 2.82 3.80 6.04
N ARG C 248 3.85 3.71 5.20
CA ARG C 248 5.16 3.14 5.58
C ARG C 248 5.95 3.92 6.62
N ARG C 249 6.41 5.11 6.24
CA ARG C 249 7.10 6.01 7.17
C ARG C 249 8.47 5.50 7.65
N ASP C 250 9.07 4.57 6.89
CA ASP C 250 10.46 4.14 7.12
C ASP C 250 11.36 4.48 5.92
N GLY C 251 12.65 4.25 6.04
CA GLY C 251 13.60 4.66 5.00
C GLY C 251 13.73 3.68 3.86
N PRO C 252 14.72 3.90 2.97
CA PRO C 252 14.97 2.98 1.87
C PRO C 252 15.82 1.76 2.28
N VAL C 253 15.77 0.69 1.50
CA VAL C 253 16.69 -0.44 1.68
C VAL C 253 18.02 -0.07 1.02
N VAL C 254 19.09 0.01 1.81
CA VAL C 254 20.35 0.55 1.32
C VAL C 254 21.32 -0.56 0.89
N VAL C 255 21.68 -0.52 -0.39
CA VAL C 255 22.50 -1.53 -1.04
C VAL C 255 23.71 -0.87 -1.72
N PRO C 256 24.89 -1.53 -1.71
CA PRO C 256 26.08 -0.94 -2.33
C PRO C 256 25.94 -0.69 -3.83
N GLU C 257 26.54 0.41 -4.30
CA GLU C 257 26.56 0.73 -5.73
C GLU C 257 27.37 -0.29 -6.52
N LEU C 258 26.97 -0.50 -7.77
CA LEU C 258 27.74 -1.35 -8.67
C LEU C 258 29.04 -0.69 -9.07
N ASN C 259 30.09 -1.53 -9.19
CA ASN C 259 31.38 -1.12 -9.72
C ASN C 259 31.61 -1.99 -10.93
N LEU C 260 31.46 -1.41 -12.12
CA LEU C 260 31.49 -2.20 -13.35
C LEU C 260 32.88 -2.69 -13.76
N GLY C 261 33.90 -1.97 -13.30
CA GLY C 261 35.29 -2.25 -13.66
C GLY C 261 35.85 -1.11 -14.49
N THR C 262 37.18 -1.08 -14.63
CA THR C 262 37.84 0.04 -15.29
C THR C 262 38.59 -0.37 -16.57
N GLY C 263 38.10 -1.40 -17.24
CA GLY C 263 38.75 -1.92 -18.45
C GLY C 263 38.55 -1.12 -19.73
N THR C 264 39.23 -1.58 -20.79
CA THR C 264 38.99 -1.10 -22.15
C THR C 264 38.65 -2.29 -23.03
N ARG C 265 37.98 -2.05 -24.16
CA ARG C 265 37.60 -3.11 -25.09
C ARG C 265 37.70 -2.69 -26.55
N GLY D 1 13.29 42.25 -41.89
CA GLY D 1 12.57 42.85 -43.06
C GLY D 1 11.14 43.24 -42.72
N PRO D 2 10.20 42.91 -43.61
CA PRO D 2 8.78 43.21 -43.40
C PRO D 2 8.25 42.63 -42.10
N GLY D 3 8.67 41.41 -41.76
CA GLY D 3 8.23 40.76 -40.54
C GLY D 3 8.26 39.23 -40.55
N SER D 4 8.68 38.66 -41.68
CA SER D 4 8.82 37.20 -41.83
C SER D 4 10.24 36.83 -42.23
N THR D 5 11.04 37.85 -42.53
CA THR D 5 12.47 37.70 -42.77
C THR D 5 13.19 37.30 -41.48
N GLY D 6 12.74 37.87 -40.37
CA GLY D 6 13.25 37.53 -39.03
C GLY D 6 13.05 36.08 -38.65
N ALA D 7 11.97 35.49 -39.16
CA ALA D 7 11.65 34.08 -38.92
C ALA D 7 12.57 33.11 -39.67
N SER D 8 12.83 33.40 -40.94
CA SER D 8 13.69 32.54 -41.76
C SER D 8 15.15 32.62 -41.33
N LEU D 9 15.53 33.72 -40.71
CA LEU D 9 16.87 33.89 -40.18
C LEU D 9 17.07 32.99 -38.96
N GLY D 10 16.11 33.08 -38.04
CA GLY D 10 16.16 32.25 -36.85
C GLY D 10 16.19 30.79 -37.24
N MET D 11 15.28 30.40 -38.12
CA MET D 11 15.23 29.02 -38.59
C MET D 11 16.59 28.58 -39.13
N MET D 12 17.22 29.45 -39.93
CA MET D 12 18.56 29.19 -40.46
C MET D 12 19.62 29.06 -39.35
N TRP D 13 19.54 29.94 -38.36
CA TRP D 13 20.42 29.90 -37.19
C TRP D 13 20.29 28.53 -36.53
N LYS D 14 19.04 28.14 -36.28
CA LYS D 14 18.73 26.86 -35.65
C LYS D 14 19.31 25.69 -36.44
N ASP D 15 19.09 25.71 -37.76
CA ASP D 15 19.66 24.71 -38.66
C ASP D 15 21.16 24.61 -38.47
N LYS D 16 21.86 25.72 -38.67
CA LYS D 16 23.31 25.77 -38.49
C LYS D 16 23.74 25.24 -37.13
N LEU D 17 23.00 25.62 -36.08
CA LEU D 17 23.29 25.12 -34.74
C LEU D 17 23.21 23.60 -34.72
N ASN D 18 22.11 23.06 -35.25
CA ASN D 18 21.88 21.62 -35.25
C ASN D 18 22.91 20.83 -36.07
N ALA D 19 23.45 21.47 -37.12
CA ALA D 19 24.41 20.85 -38.02
C ALA D 19 25.85 20.99 -37.53
N MET D 20 26.03 21.56 -36.35
CA MET D 20 27.37 21.77 -35.77
C MET D 20 27.96 20.48 -35.20
N THR D 21 29.29 20.42 -35.26
CA THR D 21 30.13 19.41 -34.62
C THR D 21 30.11 19.57 -33.09
N LYS D 22 30.56 18.55 -32.37
CA LYS D 22 30.74 18.64 -30.91
C LYS D 22 31.73 19.77 -30.57
N GLU D 23 32.86 19.80 -31.29
CA GLU D 23 33.85 20.88 -31.18
C GLU D 23 33.17 22.21 -31.42
N GLU D 24 32.47 22.33 -32.55
CA GLU D 24 31.81 23.60 -32.95
C GLU D 24 30.79 24.08 -31.93
N PHE D 25 29.80 23.25 -31.61
CA PHE D 25 28.77 23.63 -30.64
C PHE D 25 29.34 24.09 -29.30
N THR D 26 30.31 23.35 -28.76
CA THR D 26 30.88 23.65 -27.44
C THR D 26 31.57 25.02 -27.43
N ARG D 27 32.40 25.25 -28.46
CA ARG D 27 33.14 26.49 -28.58
C ARG D 27 32.20 27.69 -28.77
N TYR D 28 31.25 27.54 -29.69
CA TYR D 28 30.21 28.52 -29.95
C TYR D 28 29.39 28.88 -28.69
N LYS D 29 28.92 27.84 -28.00
CA LYS D 29 28.11 27.94 -26.77
C LYS D 29 28.48 29.13 -25.88
N ARG D 30 29.74 29.19 -25.45
CA ARG D 30 30.22 30.23 -24.54
C ARG D 30 30.87 31.44 -25.24
N ALA D 31 31.06 31.36 -26.55
CA ALA D 31 31.92 32.31 -27.29
C ALA D 31 31.51 33.75 -27.17
N GLY D 32 32.30 34.55 -26.45
CA GLY D 32 32.00 35.97 -26.25
C GLY D 32 30.81 36.25 -25.35
N VAL D 33 30.29 35.19 -24.73
CA VAL D 33 29.20 35.32 -23.78
C VAL D 33 29.77 35.67 -22.43
N MET D 34 29.07 36.53 -21.69
CA MET D 34 29.45 36.82 -20.34
C MET D 34 29.08 35.67 -19.42
N GLU D 35 30.07 35.17 -18.68
CA GLU D 35 29.89 34.17 -17.65
C GLU D 35 30.42 34.64 -16.30
N THR D 36 29.72 34.30 -15.22
CA THR D 36 30.29 34.47 -13.88
C THR D 36 31.18 33.29 -13.52
N ASP D 37 32.26 33.57 -12.79
CA ASP D 37 33.18 32.55 -12.27
C ASP D 37 32.51 31.82 -11.12
N ARG D 38 32.19 30.54 -11.33
CA ARG D 38 31.41 29.77 -10.37
C ARG D 38 32.16 28.70 -9.57
N LYS D 39 33.47 28.59 -9.80
CA LYS D 39 34.32 27.61 -9.11
C LYS D 39 34.18 27.65 -7.58
N GLU D 40 34.11 28.87 -7.04
CA GLU D 40 33.90 29.08 -5.60
C GLU D 40 32.44 28.85 -5.19
N ALA D 41 31.51 29.03 -6.11
CA ALA D 41 30.08 28.91 -5.82
C ALA D 41 29.60 27.47 -5.86
N ARG D 42 30.08 26.71 -6.83
CA ARG D 42 29.78 25.27 -6.93
C ARG D 42 30.47 24.49 -5.80
N ASP D 43 31.43 25.13 -5.13
CA ASP D 43 32.07 24.58 -3.95
C ASP D 43 31.05 24.45 -2.82
N TYR D 44 30.51 25.59 -2.37
CA TYR D 44 29.46 25.59 -1.33
C TYR D 44 28.24 24.76 -1.75
N LEU D 45 27.86 24.86 -3.02
CA LEU D 45 26.71 24.13 -3.57
C LEU D 45 26.93 22.62 -3.68
N LYS D 46 28.20 22.19 -3.68
CA LYS D 46 28.52 20.78 -3.65
C LYS D 46 28.39 20.26 -2.21
N ARG D 47 29.22 20.78 -1.31
CA ARG D 47 29.35 20.27 0.07
C ARG D 47 28.06 20.30 0.86
N GLY D 48 27.06 21.04 0.36
CA GLY D 48 25.73 21.10 0.97
C GLY D 48 25.50 22.35 1.80
N ASP D 49 26.46 23.27 1.78
CA ASP D 49 26.39 24.52 2.54
C ASP D 49 25.29 25.46 2.07
N GLY D 50 24.63 26.10 3.03
CA GLY D 50 23.64 27.14 2.76
C GLY D 50 24.08 28.49 3.29
N LYS D 51 25.18 28.50 4.04
CA LYS D 51 25.67 29.73 4.68
C LYS D 51 26.57 30.55 3.72
N THR D 52 26.00 30.93 2.57
CA THR D 52 26.74 31.67 1.55
C THR D 52 25.83 32.66 0.83
N GLY D 53 26.36 33.86 0.59
CA GLY D 53 25.66 34.87 -0.19
C GLY D 53 25.74 34.60 -1.69
N LEU D 54 26.63 33.69 -2.07
CA LEU D 54 26.82 33.31 -3.47
C LEU D 54 25.55 32.69 -4.04
N SER D 55 25.35 32.89 -5.34
CA SER D 55 24.09 32.52 -5.98
C SER D 55 23.99 31.04 -6.32
N VAL D 56 22.75 30.56 -6.42
CA VAL D 56 22.47 29.15 -6.60
C VAL D 56 22.55 28.71 -8.06
N SER D 57 22.43 29.67 -8.97
CA SER D 57 22.43 29.41 -10.39
C SER D 57 23.00 30.60 -11.17
N ARG D 58 23.30 30.35 -12.45
CA ARG D 58 23.75 31.39 -13.37
C ARG D 58 22.65 32.43 -13.61
N GLY D 59 21.39 32.03 -13.38
CA GLY D 59 20.23 32.91 -13.57
C GLY D 59 20.17 34.14 -12.67
N THR D 60 20.91 34.16 -11.57
CA THR D 60 20.91 35.33 -10.69
C THR D 60 21.49 36.54 -11.43
N ALA D 61 22.68 36.36 -12.01
CA ALA D 61 23.34 37.42 -12.80
C ALA D 61 22.48 37.87 -13.95
N LYS D 62 21.85 36.90 -14.64
CA LYS D 62 20.84 37.23 -15.67
C LYS D 62 19.90 38.33 -15.18
N LEU D 63 19.25 38.12 -14.03
CA LEU D 63 18.26 39.08 -13.53
C LEU D 63 18.91 40.37 -13.06
N ALA D 64 19.99 40.23 -12.30
CA ALA D 64 20.75 41.36 -11.80
C ALA D 64 21.01 42.38 -12.90
N TRP D 65 21.48 41.89 -14.05
CA TRP D 65 21.80 42.73 -15.21
C TRP D 65 20.57 43.41 -15.81
N MET D 66 19.41 42.76 -15.69
CA MET D 66 18.18 43.28 -16.24
C MET D 66 17.58 44.27 -15.28
N GLU D 67 17.85 44.05 -13.99
CA GLU D 67 17.40 44.96 -12.95
C GLU D 67 18.31 46.17 -12.82
N GLU D 68 19.61 45.99 -13.06
CA GLU D 68 20.59 47.06 -12.93
C GLU D 68 20.57 48.06 -14.09
N ARG D 69 20.19 47.61 -15.28
CA ARG D 69 19.94 48.54 -16.37
C ARG D 69 18.58 49.24 -16.21
N GLY D 70 17.70 48.63 -15.42
CA GLY D 70 16.37 49.15 -15.21
C GLY D 70 15.38 48.71 -16.27
N TYR D 71 15.43 47.43 -16.66
CA TYR D 71 14.43 46.84 -17.56
C TYR D 71 13.24 46.28 -16.78
N VAL D 72 13.45 46.10 -15.47
CA VAL D 72 12.44 45.69 -14.51
C VAL D 72 12.80 46.38 -13.21
N GLU D 73 11.79 46.75 -12.44
CA GLU D 73 12.01 47.29 -11.11
C GLU D 73 11.27 46.42 -10.10
N LEU D 74 12.04 45.74 -9.24
CA LEU D 74 11.51 44.76 -8.32
C LEU D 74 10.99 45.40 -7.02
N THR D 75 9.69 45.24 -6.78
CA THR D 75 8.98 45.88 -5.66
C THR D 75 7.83 45.00 -5.13
N GLY D 76 7.70 44.94 -3.81
CA GLY D 76 6.55 44.29 -3.16
C GLY D 76 6.41 42.79 -3.36
N ARG D 77 5.17 42.35 -3.60
CA ARG D 77 4.86 40.94 -3.79
C ARG D 77 5.36 40.49 -5.16
N VAL D 78 6.32 39.58 -5.17
CA VAL D 78 6.91 39.07 -6.41
C VAL D 78 6.59 37.58 -6.55
N VAL D 79 6.19 37.17 -7.76
CA VAL D 79 6.02 35.74 -8.05
C VAL D 79 7.00 35.22 -9.12
N ASP D 80 7.64 34.09 -8.82
CA ASP D 80 8.57 33.45 -9.74
C ASP D 80 7.95 32.19 -10.29
N LEU D 81 7.51 32.24 -11.53
CA LEU D 81 6.98 31.07 -12.21
C LEU D 81 8.10 30.17 -12.76
N GLY D 82 8.20 28.96 -12.20
CA GLY D 82 9.27 28.03 -12.53
C GLY D 82 10.62 28.48 -12.00
N CYS D 83 10.78 28.41 -10.69
CA CYS D 83 11.95 28.99 -10.03
C CYS D 83 13.20 28.10 -10.02
N GLY D 84 13.07 26.85 -10.46
CA GLY D 84 14.18 25.89 -10.42
C GLY D 84 14.92 25.95 -9.09
N ARG D 85 16.25 26.02 -9.15
CA ARG D 85 17.09 26.13 -7.94
C ARG D 85 16.74 27.34 -7.08
N GLY D 86 16.16 28.38 -7.70
CA GLY D 86 15.77 29.60 -6.99
C GLY D 86 16.49 30.89 -7.36
N GLY D 87 17.28 30.85 -8.43
CA GLY D 87 18.17 31.95 -8.81
C GLY D 87 17.56 33.33 -8.73
N TRP D 88 16.36 33.48 -9.27
CA TRP D 88 15.70 34.78 -9.37
C TRP D 88 15.03 35.13 -8.05
N SER D 89 14.38 34.14 -7.45
CA SER D 89 13.69 34.29 -6.17
C SER D 89 14.65 34.84 -5.11
N TYR D 90 15.85 34.29 -5.03
CA TYR D 90 16.88 34.76 -4.09
C TYR D 90 17.40 36.14 -4.42
N TYR D 91 17.48 36.45 -5.71
CA TYR D 91 17.92 37.77 -6.10
C TYR D 91 16.97 38.83 -5.56
N ALA D 92 15.72 38.75 -6.02
CA ALA D 92 14.64 39.65 -5.64
C ALA D 92 14.55 39.90 -4.13
N ALA D 93 14.72 38.81 -3.37
CA ALA D 93 14.70 38.84 -1.91
C ALA D 93 15.83 39.67 -1.26
N SER D 94 16.89 39.97 -2.02
CA SER D 94 18.00 40.80 -1.52
C SER D 94 17.77 42.28 -1.80
N ARG D 95 16.73 42.57 -2.58
CA ARG D 95 16.46 43.92 -3.00
C ARG D 95 15.57 44.60 -1.97
N PRO D 96 15.98 45.80 -1.50
CA PRO D 96 15.32 46.43 -0.36
C PRO D 96 13.88 46.87 -0.63
N HIS D 97 13.59 47.26 -1.87
CA HIS D 97 12.23 47.67 -2.25
C HIS D 97 11.26 46.47 -2.44
N VAL D 98 11.81 45.25 -2.36
CA VAL D 98 11.00 44.02 -2.46
C VAL D 98 10.59 43.52 -1.08
N MET D 99 9.35 43.02 -0.97
CA MET D 99 8.82 42.53 0.30
C MET D 99 8.78 40.99 0.39
N ASP D 100 7.92 40.37 -0.40
CA ASP D 100 7.64 38.95 -0.24
C ASP D 100 7.67 38.20 -1.58
N VAL D 101 8.57 37.22 -1.66
CA VAL D 101 8.72 36.39 -2.86
C VAL D 101 8.06 35.03 -2.70
N ARG D 102 7.08 34.76 -3.55
CA ARG D 102 6.52 33.42 -3.66
C ARG D 102 7.11 32.76 -4.92
N ALA D 103 7.55 31.52 -4.78
CA ALA D 103 8.24 30.82 -5.83
C ALA D 103 7.65 29.44 -5.98
N TYR D 104 7.24 29.12 -7.19
CA TYR D 104 6.67 27.81 -7.50
C TYR D 104 7.53 27.09 -8.53
N THR D 105 7.62 25.76 -8.43
CA THR D 105 8.33 24.93 -9.41
C THR D 105 7.81 23.49 -9.41
N LEU D 106 8.43 22.64 -10.21
CA LEU D 106 8.13 21.22 -10.24
C LEU D 106 9.04 20.46 -9.28
N GLY D 107 10.29 20.22 -9.69
CA GLY D 107 11.26 19.49 -8.88
C GLY D 107 10.85 18.06 -8.57
N VAL D 108 10.35 17.35 -9.59
CA VAL D 108 9.81 16.00 -9.39
C VAL D 108 10.48 14.95 -10.27
N GLY D 109 10.86 15.34 -11.49
CA GLY D 109 11.36 14.37 -12.46
C GLY D 109 12.70 14.77 -13.03
N GLY D 110 13.71 14.85 -12.14
CA GLY D 110 15.03 15.33 -12.50
C GLY D 110 15.08 16.84 -12.72
N HIS D 111 13.95 17.51 -12.48
CA HIS D 111 13.87 18.96 -12.56
C HIS D 111 14.59 19.60 -11.39
N GLU D 112 15.18 20.78 -11.62
CA GLU D 112 15.96 21.43 -10.59
C GLU D 112 15.09 21.66 -9.37
N VAL D 113 15.64 21.33 -8.21
CA VAL D 113 15.01 21.49 -6.91
C VAL D 113 15.51 22.79 -6.27
N PRO D 114 14.61 23.53 -5.59
CA PRO D 114 15.04 24.76 -4.92
C PRO D 114 16.13 24.51 -3.90
N ARG D 115 17.25 25.22 -4.05
CA ARG D 115 18.34 25.09 -3.10
C ARG D 115 18.11 26.09 -1.99
N ILE D 116 18.00 25.56 -0.77
CA ILE D 116 17.73 26.34 0.42
C ILE D 116 19.05 26.88 0.98
N THR D 117 19.12 28.20 1.11
CA THR D 117 20.33 28.86 1.55
C THR D 117 20.01 29.94 2.57
N GLU D 118 21.04 30.51 3.17
CA GLU D 118 20.90 31.56 4.17
C GLU D 118 21.22 32.95 3.59
N SER D 119 21.11 33.08 2.27
CA SER D 119 21.39 34.34 1.56
C SER D 119 20.38 35.43 1.92
N TYR D 120 20.88 36.65 2.02
CA TYR D 120 20.10 37.82 2.47
C TYR D 120 18.71 37.89 1.84
N GLY D 121 17.69 37.64 2.66
CA GLY D 121 16.29 37.69 2.21
C GLY D 121 15.54 36.37 2.28
N TRP D 122 16.28 35.27 2.37
CA TRP D 122 15.73 33.90 2.27
C TRP D 122 14.42 33.69 3.02
N ASN D 123 14.35 34.30 4.20
CA ASN D 123 13.24 34.11 5.12
C ASN D 123 11.87 34.46 4.53
N ILE D 124 11.82 35.40 3.59
CA ILE D 124 10.56 35.82 2.99
C ILE D 124 10.34 35.23 1.59
N VAL D 125 10.83 34.00 1.38
CA VAL D 125 10.69 33.29 0.11
C VAL D 125 9.90 31.99 0.28
N LYS D 126 8.68 31.97 -0.26
CA LYS D 126 7.79 30.82 -0.12
C LYS D 126 7.89 29.85 -1.30
N PHE D 127 8.88 28.95 -1.25
CA PHE D 127 9.02 27.91 -2.27
C PHE D 127 7.84 26.93 -2.23
N LYS D 128 7.48 26.39 -3.38
CA LYS D 128 6.49 25.32 -3.45
C LYS D 128 6.73 24.42 -4.66
N SER D 129 7.26 23.24 -4.38
CA SER D 129 7.58 22.26 -5.41
C SER D 129 6.32 21.54 -5.90
N ARG D 130 6.50 20.63 -6.87
CA ARG D 130 5.42 19.80 -7.45
C ARG D 130 4.23 20.61 -7.97
N VAL D 131 4.54 21.77 -8.56
CA VAL D 131 3.52 22.68 -9.07
C VAL D 131 3.72 22.93 -10.55
N ASP D 132 2.66 22.72 -11.33
CA ASP D 132 2.59 23.12 -12.72
C ASP D 132 2.12 24.56 -12.72
N ILE D 133 2.95 25.47 -13.24
CA ILE D 133 2.60 26.89 -13.22
C ILE D 133 1.44 27.21 -14.15
N HIS D 134 1.20 26.31 -15.10
CA HIS D 134 0.16 26.46 -16.12
C HIS D 134 -1.25 26.36 -15.51
N THR D 135 -1.36 25.62 -14.41
CA THR D 135 -2.63 25.51 -13.67
C THR D 135 -2.56 26.13 -12.27
N LEU D 136 -1.38 26.63 -11.91
CA LEU D 136 -1.21 27.37 -10.66
C LEU D 136 -2.05 28.64 -10.67
N PRO D 137 -3.14 28.63 -9.90
CA PRO D 137 -4.20 29.62 -10.06
C PRO D 137 -3.67 31.03 -9.83
N VAL D 138 -4.15 31.97 -10.63
CA VAL D 138 -3.67 33.35 -10.56
C VAL D 138 -3.88 33.94 -9.17
N GLU D 139 -2.91 34.70 -8.70
CA GLU D 139 -3.00 35.41 -7.42
C GLU D 139 -2.54 36.85 -7.58
N ARG D 140 -2.75 37.67 -6.55
CA ARG D 140 -2.36 39.09 -6.58
C ARG D 140 -0.84 39.27 -6.48
N THR D 141 -0.27 40.02 -7.44
CA THR D 141 1.17 40.26 -7.49
C THR D 141 1.51 41.70 -7.87
N ASP D 142 2.69 42.15 -7.44
CA ASP D 142 3.25 43.42 -7.87
C ASP D 142 4.26 43.24 -9.01
N VAL D 143 5.01 42.15 -8.97
CA VAL D 143 6.01 41.80 -9.99
C VAL D 143 5.90 40.33 -10.40
N ILE D 144 5.79 40.09 -11.70
CA ILE D 144 5.75 38.73 -12.24
C ILE D 144 7.14 38.37 -12.76
N MET D 145 7.51 37.09 -12.59
CA MET D 145 8.76 36.56 -13.14
C MET D 145 8.52 35.17 -13.72
N CYS D 146 9.09 34.89 -14.90
CA CYS D 146 8.95 33.57 -15.50
C CYS D 146 10.10 33.23 -16.44
N ASP D 147 11.06 32.49 -15.91
CA ASP D 147 12.23 32.08 -16.65
C ASP D 147 12.03 30.64 -17.07
N VAL D 148 11.05 30.38 -17.92
CA VAL D 148 10.73 29.01 -18.31
C VAL D 148 10.86 28.75 -19.82
N GLY D 149 11.55 27.68 -20.17
CA GLY D 149 11.71 27.27 -21.55
C GLY D 149 12.64 26.07 -21.61
N GLU D 150 12.25 25.05 -22.37
CA GLU D 150 13.14 23.91 -22.58
C GLU D 150 13.57 23.85 -24.05
N SER D 151 14.85 24.10 -24.28
CA SER D 151 15.35 24.16 -25.65
C SER D 151 15.17 22.83 -26.34
N SER D 152 14.81 22.87 -27.62
CA SER D 152 14.65 21.66 -28.42
C SER D 152 15.20 21.87 -29.83
N PRO D 153 15.79 20.81 -30.43
CA PRO D 153 16.27 20.84 -31.82
C PRO D 153 15.22 21.28 -32.86
N LYS D 154 13.94 21.21 -32.49
CA LYS D 154 12.85 21.69 -33.35
C LYS D 154 12.37 23.05 -32.88
N TRP D 155 12.49 24.05 -33.75
CA TRP D 155 12.04 25.41 -33.43
C TRP D 155 10.55 25.44 -33.13
N SER D 156 9.82 24.51 -33.75
CA SER D 156 8.37 24.43 -33.65
C SER D 156 7.93 23.99 -32.25
N VAL D 157 8.62 22.99 -31.70
CA VAL D 157 8.39 22.53 -30.35
C VAL D 157 8.62 23.68 -29.37
N GLU D 158 9.74 24.39 -29.53
CA GLU D 158 10.04 25.60 -28.75
C GLU D 158 9.01 26.71 -28.95
N SER D 159 8.49 26.83 -30.16
CA SER D 159 7.49 27.83 -30.50
C SER D 159 6.17 27.53 -29.78
N GLU D 160 5.75 26.27 -29.83
CA GLU D 160 4.57 25.80 -29.11
C GLU D 160 4.76 26.11 -27.62
N ARG D 161 5.95 25.81 -27.11
CA ARG D 161 6.30 26.02 -25.70
C ARG D 161 6.29 27.50 -25.29
N THR D 162 6.82 28.36 -26.15
CA THR D 162 6.92 29.79 -25.87
C THR D 162 5.55 30.46 -25.74
N ILE D 163 4.66 30.14 -26.69
CA ILE D 163 3.31 30.68 -26.70
C ILE D 163 2.58 30.41 -25.39
N LYS D 164 2.72 29.18 -24.86
CA LYS D 164 2.03 28.80 -23.63
C LYS D 164 2.54 29.56 -22.42
N ILE D 165 3.80 29.99 -22.48
CA ILE D 165 4.39 30.82 -21.45
C ILE D 165 3.90 32.26 -21.54
N LEU D 166 3.46 32.66 -22.74
CA LEU D 166 2.87 33.98 -22.94
C LEU D 166 1.38 33.95 -22.66
N GLU D 167 0.74 32.83 -23.00
CA GLU D 167 -0.65 32.58 -22.65
C GLU D 167 -0.82 32.62 -21.13
N LEU D 168 0.16 32.04 -20.44
CA LEU D 168 0.25 32.12 -18.99
C LEU D 168 0.52 33.55 -18.54
N LEU D 169 1.43 34.23 -19.22
CA LEU D 169 1.74 35.62 -18.88
C LEU D 169 0.49 36.48 -18.98
N GLU D 170 -0.29 36.26 -20.05
CA GLU D 170 -1.55 36.99 -20.24
C GLU D 170 -2.46 36.78 -19.05
N LYS D 171 -2.73 35.52 -18.71
CA LYS D 171 -3.57 35.17 -17.57
C LYS D 171 -3.20 35.97 -16.33
N TRP D 172 -1.92 35.96 -15.98
CA TRP D 172 -1.43 36.59 -14.75
C TRP D 172 -1.46 38.10 -14.82
N LYS D 173 -1.32 38.63 -16.03
CA LYS D 173 -1.30 40.04 -16.26
C LYS D 173 -2.74 40.59 -16.27
N VAL D 174 -3.71 39.70 -16.43
CA VAL D 174 -5.13 40.08 -16.35
C VAL D 174 -5.50 40.53 -14.93
N LYS D 175 -5.24 39.67 -13.95
CA LYS D 175 -5.55 39.97 -12.54
C LYS D 175 -4.75 41.17 -12.00
N ASN D 176 -3.48 41.23 -12.40
CA ASN D 176 -2.60 42.34 -12.05
C ASN D 176 -2.21 43.13 -13.29
N PRO D 177 -2.94 44.24 -13.57
CA PRO D 177 -2.74 45.03 -14.78
C PRO D 177 -1.49 45.90 -14.75
N SER D 178 -1.10 46.37 -13.57
CA SER D 178 0.05 47.27 -13.44
C SER D 178 1.27 46.54 -12.87
N ALA D 179 1.30 45.22 -13.01
CA ALA D 179 2.41 44.42 -12.49
C ALA D 179 3.54 44.36 -13.49
N ASP D 180 4.76 44.61 -13.01
CA ASP D 180 5.95 44.46 -13.85
C ASP D 180 6.16 42.99 -14.22
N PHE D 181 6.81 42.72 -15.35
CA PHE D 181 7.03 41.32 -15.75
C PHE D 181 8.36 41.05 -16.44
N VAL D 182 8.95 39.89 -16.13
CA VAL D 182 10.15 39.39 -16.81
C VAL D 182 9.85 37.98 -17.29
N VAL D 183 9.71 37.81 -18.59
CA VAL D 183 9.30 36.53 -19.13
C VAL D 183 10.28 36.00 -20.17
N LYS D 184 10.65 34.73 -20.04
CA LYS D 184 11.50 34.08 -21.00
C LYS D 184 10.74 33.87 -22.31
N VAL D 185 11.32 34.37 -23.39
CA VAL D 185 10.82 34.05 -24.70
C VAL D 185 11.87 33.14 -25.31
N LEU D 186 11.57 31.84 -25.29
CA LEU D 186 12.54 30.83 -25.70
C LEU D 186 12.82 30.94 -27.19
N CYS D 187 11.74 30.97 -27.98
CA CYS D 187 11.82 31.09 -29.42
C CYS D 187 11.09 32.38 -29.84
N PRO D 188 11.82 33.52 -29.85
CA PRO D 188 11.20 34.78 -30.21
C PRO D 188 11.05 35.02 -31.71
N TYR D 189 11.65 34.18 -32.55
CA TYR D 189 11.69 34.47 -33.99
C TYR D 189 10.58 33.85 -34.85
N SER D 190 9.85 32.90 -34.30
CA SER D 190 8.79 32.24 -35.08
C SER D 190 7.64 33.21 -35.31
N VAL D 191 7.03 33.13 -36.50
CA VAL D 191 5.94 34.05 -36.89
C VAL D 191 4.80 34.04 -35.88
N GLU D 192 4.47 32.86 -35.38
CA GLU D 192 3.42 32.68 -34.39
C GLU D 192 3.73 33.48 -33.13
N VAL D 193 4.97 33.43 -32.67
CA VAL D 193 5.40 34.07 -31.43
C VAL D 193 5.50 35.60 -31.54
N MET D 194 6.05 36.09 -32.64
CA MET D 194 6.18 37.53 -32.84
C MET D 194 4.81 38.21 -32.94
N GLU D 195 3.86 37.49 -33.51
CA GLU D 195 2.49 37.98 -33.59
C GLU D 195 1.94 38.19 -32.18
N ARG D 196 1.87 37.12 -31.38
CA ARG D 196 1.44 37.20 -29.97
C ARG D 196 2.28 38.20 -29.19
N LEU D 197 3.54 38.36 -29.58
CA LEU D 197 4.43 39.33 -28.95
C LEU D 197 3.89 40.76 -29.14
N SER D 198 3.63 41.12 -30.40
CA SER D 198 3.16 42.47 -30.72
C SER D 198 1.83 42.79 -30.06
N VAL D 199 0.93 41.81 -30.08
CA VAL D 199 -0.40 41.94 -29.51
C VAL D 199 -0.29 42.24 -28.02
N MET D 200 0.57 41.50 -27.33
CA MET D 200 0.77 41.69 -25.89
C MET D 200 1.41 43.03 -25.61
N GLN D 201 2.42 43.37 -26.40
CA GLN D 201 3.10 44.66 -26.27
C GLN D 201 2.12 45.83 -26.36
N ARG D 202 1.12 45.69 -27.25
CA ARG D 202 0.10 46.70 -27.41
C ARG D 202 -0.71 46.88 -26.12
N LYS D 203 -1.15 45.76 -25.54
CA LYS D 203 -1.95 45.80 -24.33
C LYS D 203 -1.14 46.21 -23.11
N TRP D 204 0.08 45.67 -22.98
CA TRP D 204 0.86 45.78 -21.74
C TRP D 204 2.19 46.57 -21.81
N GLY D 205 2.63 46.93 -23.01
CA GLY D 205 3.89 47.65 -23.17
C GLY D 205 5.11 46.74 -23.02
N GLY D 206 6.24 47.33 -22.66
CA GLY D 206 7.46 46.56 -22.53
C GLY D 206 8.05 46.21 -23.90
N GLY D 207 8.93 45.21 -23.90
CA GLY D 207 9.63 44.77 -25.09
C GLY D 207 10.78 43.84 -24.75
N LEU D 208 11.40 43.30 -25.79
CA LEU D 208 12.46 42.30 -25.65
C LEU D 208 13.83 42.87 -25.27
N VAL D 209 14.57 42.12 -24.47
CA VAL D 209 15.96 42.41 -24.16
C VAL D 209 16.73 41.15 -24.41
N ARG D 210 17.90 41.25 -25.01
CA ARG D 210 18.79 40.08 -25.11
C ARG D 210 19.85 40.13 -24.02
N ASN D 211 19.81 39.15 -23.14
CA ASN D 211 20.70 39.11 -22.00
C ASN D 211 22.09 38.61 -22.36
N PRO D 212 23.13 39.40 -22.04
CA PRO D 212 24.50 39.01 -22.43
C PRO D 212 25.03 37.80 -21.66
N TYR D 213 24.29 37.32 -20.65
CA TYR D 213 24.65 36.09 -19.95
C TYR D 213 24.00 34.83 -20.55
N SER D 214 23.38 34.97 -21.71
CA SER D 214 22.73 33.85 -22.36
C SER D 214 23.68 33.27 -23.39
N ARG D 215 23.75 31.95 -23.43
CA ARG D 215 24.61 31.26 -24.39
C ARG D 215 24.13 31.49 -25.82
N ASN D 216 25.08 31.49 -26.74
CA ASN D 216 24.79 31.66 -28.16
C ASN D 216 24.00 30.48 -28.70
N SER D 217 24.03 29.37 -27.97
CA SER D 217 23.24 28.21 -28.32
C SER D 217 21.76 28.43 -28.01
N THR D 218 21.43 29.45 -27.24
CA THR D 218 20.02 29.77 -27.03
C THR D 218 19.68 31.13 -27.66
N HIS D 219 18.48 31.21 -28.22
CA HIS D 219 17.97 32.47 -28.75
C HIS D 219 17.03 33.12 -27.75
N GLU D 220 17.13 32.71 -26.48
CA GLU D 220 16.25 33.24 -25.42
C GLU D 220 16.28 34.77 -25.36
N MET D 221 15.10 35.38 -25.30
CA MET D 221 15.01 36.80 -25.06
C MET D 221 13.95 37.04 -23.99
N TYR D 222 14.11 38.11 -23.21
CA TYR D 222 13.17 38.36 -22.12
C TYR D 222 12.20 39.51 -22.36
N PHE D 223 10.91 39.18 -22.41
CA PHE D 223 9.87 40.17 -22.54
C PHE D 223 9.66 40.82 -21.18
N THR D 224 10.22 42.01 -21.01
CA THR D 224 10.11 42.72 -19.76
C THR D 224 9.12 43.86 -19.91
N SER D 225 8.77 44.50 -18.79
CA SER D 225 7.75 45.55 -18.79
C SER D 225 8.34 46.94 -19.05
N ARG D 226 9.57 47.18 -18.59
CA ARG D 226 10.15 48.51 -18.66
C ARG D 226 11.15 48.65 -19.81
N ALA D 227 11.21 47.65 -20.68
CA ALA D 227 11.97 47.75 -21.94
C ALA D 227 11.03 48.19 -23.06
N GLY D 228 11.58 48.57 -24.22
CA GLY D 228 10.72 49.01 -25.32
C GLY D 228 11.35 48.81 -26.68
N GLY D 229 10.66 49.31 -27.70
CA GLY D 229 11.19 49.28 -29.07
C GLY D 229 10.41 48.38 -29.99
N ASN D 230 10.80 48.40 -31.25
CA ASN D 230 10.20 47.55 -32.28
C ASN D 230 10.60 46.09 -32.05
N ILE D 231 9.60 45.24 -31.85
CA ILE D 231 9.84 43.81 -31.54
C ILE D 231 10.59 43.05 -32.65
N ILE D 232 10.06 43.04 -33.87
CA ILE D 232 10.69 42.38 -35.00
C ILE D 232 12.12 42.90 -35.23
N GLY D 233 12.30 44.19 -34.99
CA GLY D 233 13.61 44.84 -35.07
C GLY D 233 14.58 44.35 -34.01
N ALA D 234 14.06 44.06 -32.82
CA ALA D 234 14.88 43.59 -31.69
C ALA D 234 15.33 42.13 -31.84
N VAL D 235 14.44 41.29 -32.39
CA VAL D 235 14.71 39.85 -32.60
C VAL D 235 15.75 39.65 -33.68
N THR D 236 15.55 40.31 -34.82
CA THR D 236 16.47 40.26 -35.95
C THR D 236 17.88 40.66 -35.52
N ALA D 237 17.97 41.76 -34.77
CA ALA D 237 19.25 42.26 -34.27
C ALA D 237 19.99 41.21 -33.44
N CYS D 238 19.23 40.43 -32.68
CA CYS D 238 19.78 39.36 -31.87
C CYS D 238 20.17 38.12 -32.69
N THR D 239 19.35 37.77 -33.69
CA THR D 239 19.67 36.67 -34.61
C THR D 239 20.93 36.98 -35.41
N GLU D 240 21.01 38.21 -35.91
CA GLU D 240 22.18 38.68 -36.65
C GLU D 240 23.46 38.45 -35.86
N ARG D 241 23.51 38.87 -34.59
CA ARG D 241 24.70 38.68 -33.76
C ARG D 241 25.01 37.19 -33.58
N LEU D 242 24.02 36.39 -33.22
CA LEU D 242 24.28 34.97 -33.01
C LEU D 242 24.81 34.33 -34.28
N LEU D 243 24.24 34.71 -35.42
CA LEU D 243 24.76 34.20 -36.69
C LEU D 243 26.21 34.63 -36.85
N GLY D 244 26.47 35.92 -36.61
CA GLY D 244 27.82 36.48 -36.64
C GLY D 244 28.76 35.73 -35.70
N ARG D 245 28.31 35.52 -34.47
CA ARG D 245 29.12 34.91 -33.43
C ARG D 245 29.54 33.48 -33.77
N MET D 246 28.99 32.95 -34.85
CA MET D 246 29.39 31.62 -35.33
C MET D 246 30.74 31.65 -36.00
N ALA D 247 31.22 32.85 -36.30
CA ALA D 247 32.52 33.00 -36.91
C ALA D 247 33.61 33.00 -35.84
N ARG D 248 33.25 33.39 -34.63
CA ARG D 248 34.26 33.65 -33.59
C ARG D 248 34.52 32.44 -32.70
N ARG D 249 35.74 32.36 -32.18
CA ARG D 249 36.23 31.15 -31.52
C ARG D 249 37.02 31.47 -30.25
N ASP D 250 36.66 32.57 -29.58
CA ASP D 250 37.28 32.92 -28.30
C ASP D 250 36.40 32.40 -27.17
N GLY D 251 36.87 32.58 -25.93
CA GLY D 251 36.17 32.09 -24.77
C GLY D 251 35.11 33.08 -24.32
N PRO D 252 34.46 32.79 -23.17
CA PRO D 252 33.50 33.72 -22.59
C PRO D 252 34.17 34.94 -21.94
N VAL D 253 33.42 36.03 -21.78
CA VAL D 253 33.86 37.18 -20.99
C VAL D 253 33.61 36.89 -19.51
N VAL D 254 34.68 36.52 -18.79
CA VAL D 254 34.54 36.02 -17.43
C VAL D 254 34.55 37.18 -16.44
N VAL D 255 33.62 37.13 -15.48
CA VAL D 255 33.39 38.21 -14.55
C VAL D 255 33.11 37.56 -13.19
N PRO D 256 33.34 38.27 -12.06
CA PRO D 256 33.09 37.65 -10.76
C PRO D 256 31.60 37.50 -10.41
N GLU D 257 31.31 36.45 -9.65
CA GLU D 257 29.94 36.11 -9.27
C GLU D 257 29.42 37.04 -8.19
N LEU D 258 28.13 37.38 -8.29
CA LEU D 258 27.45 38.22 -7.32
C LEU D 258 27.41 37.56 -5.95
N ASN D 259 27.52 38.39 -4.91
CA ASN D 259 27.45 37.92 -3.53
C ASN D 259 26.34 38.67 -2.84
N LEU D 260 25.17 38.04 -2.73
CA LEU D 260 23.97 38.72 -2.24
C LEU D 260 24.08 39.18 -0.79
N GLY D 261 24.81 38.40 0.01
CA GLY D 261 24.96 38.68 1.43
C GLY D 261 24.25 37.62 2.26
N THR D 262 24.30 37.79 3.58
CA THR D 262 23.75 36.80 4.50
C THR D 262 22.64 37.39 5.36
N GLY D 263 21.94 36.53 6.10
CA GLY D 263 21.01 36.96 7.13
C GLY D 263 19.54 36.89 6.76
N THR D 264 18.71 37.42 7.66
CA THR D 264 17.27 37.50 7.46
C THR D 264 16.86 38.95 7.25
N ARG D 265 15.56 39.17 7.07
CA ARG D 265 15.00 40.51 6.95
C ARG D 265 13.78 40.71 7.84
N SAM E . -25.55 -9.22 27.38
CA SAM E . -25.57 -9.52 25.94
C SAM E . -26.95 -9.56 25.30
O SAM E . -27.07 -9.34 24.09
OXT SAM E . -27.96 -9.82 25.95
CB SAM E . -24.85 -10.82 25.66
CG SAM E . -23.39 -10.52 25.47
SD SAM E . -22.54 -11.69 24.39
CE SAM E . -22.87 -13.27 25.23
C5' SAM E . -20.84 -11.30 24.88
C4' SAM E . -20.18 -10.38 23.85
O4' SAM E . -18.91 -9.95 24.27
C3' SAM E . -19.98 -11.12 22.54
O3' SAM E . -20.86 -10.56 21.59
C2' SAM E . -18.54 -10.88 22.16
O2' SAM E . -18.47 -10.31 20.87
C1' SAM E . -18.07 -9.84 23.13
N9 SAM E . -16.65 -9.97 23.45
C8 SAM E . -15.92 -11.12 23.54
N7 SAM E . -14.64 -10.80 23.86
C5 SAM E . -14.55 -9.45 23.98
C6 SAM E . -13.50 -8.59 24.30
N6 SAM E . -12.28 -9.08 24.54
N1 SAM E . -13.72 -7.23 24.35
C2 SAM E . -14.99 -6.72 24.10
N3 SAM E . -16.01 -7.58 23.78
C4 SAM E . -15.81 -8.92 23.73
N SAM F . -9.51 -25.45 3.46
CA SAM F . -9.75 -26.68 4.17
C SAM F . -10.45 -27.71 3.30
O SAM F . -10.03 -28.88 3.22
OXT SAM F . -11.45 -27.38 2.64
CB SAM F . -10.60 -26.41 5.41
CG SAM F . -9.74 -26.09 6.61
SD SAM F . -10.62 -25.13 7.85
CE SAM F . -10.05 -23.43 7.50
C5' SAM F . -9.62 -25.58 9.29
C4' SAM F . -10.34 -26.64 10.12
O4' SAM F . -9.54 -27.09 11.20
C3' SAM F . -11.60 -26.08 10.73
O3' SAM F . -12.66 -26.78 10.15
C2' SAM F . -11.51 -26.34 12.21
O2' SAM F . -12.67 -26.95 12.69
C1' SAM F . -10.36 -27.32 12.32
N9 SAM F . -9.62 -27.22 13.59
C8 SAM F . -9.25 -26.09 14.27
N7 SAM F . -8.58 -26.45 15.39
C5 SAM F . -8.51 -27.82 15.42
C6 SAM F . -7.95 -28.73 16.31
N6 SAM F . -7.32 -28.31 17.41
N1 SAM F . -8.06 -30.09 16.08
C2 SAM F . -8.70 -30.54 14.95
N3 SAM F . -9.25 -29.63 14.06
C4 SAM F . -9.16 -28.29 14.30
N SAM G . 19.10 5.14 -18.07
CA SAM G . 19.86 6.36 -17.77
C SAM G . 20.93 6.14 -16.69
O SAM G . 21.81 6.99 -16.48
OXT SAM G . 20.95 5.14 -15.99
CB SAM G . 18.92 7.51 -17.37
CG SAM G . 18.13 8.12 -18.52
SD SAM G . 17.15 9.53 -17.94
CE SAM G . 15.89 8.81 -16.84
C5' SAM G . 16.20 10.02 -19.41
C4' SAM G . 17.03 10.95 -20.29
O4' SAM G . 16.49 11.00 -21.59
C3' SAM G . 17.05 12.38 -19.75
O3' SAM G . 18.34 12.67 -19.30
C2' SAM G . 16.70 13.26 -20.94
O2' SAM G . 17.75 14.17 -21.19
C1' SAM G . 16.61 12.31 -22.11
N9 SAM G . 15.49 12.62 -23.02
C8 SAM G . 14.18 12.93 -22.72
N7 SAM G . 13.51 13.15 -23.87
C5 SAM G . 14.38 13.00 -24.90
C6 SAM G . 14.25 13.10 -26.28
N6 SAM G . 13.09 13.42 -26.84
N1 SAM G . 15.35 12.88 -27.08
C2 SAM G . 16.56 12.54 -26.52
N3 SAM G . 16.69 12.44 -25.15
C4 SAM G . 15.62 12.67 -24.36
N SAM H . 14.43 31.28 -11.43
CA SAM H . 15.38 30.26 -11.90
C SAM H . 16.78 30.81 -12.03
O SAM H . 16.95 31.97 -12.40
OXT SAM H . 17.77 30.12 -11.75
CB SAM H . 14.95 29.70 -13.26
CG SAM H . 15.20 28.21 -13.47
SD SAM H . 14.41 27.73 -15.02
CE SAM H . 15.80 27.97 -16.17
C5' SAM H . 14.28 25.93 -15.01
C4' SAM H . 13.16 25.38 -14.13
O4' SAM H . 11.84 25.69 -14.55
C3' SAM H . 13.28 23.88 -14.13
O3' SAM H . 13.96 23.52 -12.96
C2' SAM H . 11.85 23.36 -14.17
O2' SAM H . 11.59 22.53 -13.06
C1' SAM H . 11.00 24.63 -14.12
N9 SAM H . 9.75 24.41 -14.88
C8 SAM H . 9.59 24.06 -16.20
N7 SAM H . 8.27 23.93 -16.47
C5 SAM H . 7.57 24.18 -15.34
C6 SAM H . 6.20 24.19 -15.03
N6 SAM H . 5.27 23.93 -15.93
N1 SAM H . 5.79 24.50 -13.75
C2 SAM H . 6.73 24.79 -12.79
N3 SAM H . 8.07 24.78 -13.08
C4 SAM H . 8.49 24.47 -14.33
#